data_3LL5
#
_entry.id   3LL5
#
_cell.length_a   187.104
_cell.length_b   42.787
_cell.length_c   134.895
_cell.angle_alpha   90.00
_cell.angle_beta   113.19
_cell.angle_gamma   90.00
#
_symmetry.space_group_name_H-M   'C 1 2 1'
#
loop_
_entity.id
_entity.type
_entity.pdbx_description
1 polymer 'Gamma-glutamyl kinase related protein'
2 non-polymer "ADENOSINE-5'-DIPHOSPHATE"
3 non-polymer '3-METHYLBUT-3-ENYL TRIHYDROGEN DIPHOSPHATE'
4 non-polymer "ADENOSINE-5'-TRIPHOSPHATE"
5 non-polymer 'Isopentenyl phosphate'
6 water water
#
_entity_poly.entity_id   1
_entity_poly.type   'polypeptide(L)'
_entity_poly.pdbx_seq_one_letter_code
;DPFT(MSE)(MSE)ILKIGGSVITDKSAYRTARTYAIRSIVKVLSGIEDLVCVVHGGGSFGHIKA(MSE)EFGLPGPKNP
RSSIGYSIVHRD(MSE)ENLDL(MSE)VIDA(MSE)IE(MSE)G(MSE)RPISVPISALRYDGRFDYTPLIRYIDAGFVP
VSYGDVYIKDEHSYGIYSGDDI(MSE)AD(MSE)AELLKPDVAVFLTDVDGIYSKDPKRNPDAVLLRDIDTNITFDRVQN
DVTGGIGKKFES(MSE)VK(MSE)KSSVKNGVYLINGNHPERIGDIGKESFIGTVIR
;
_entity_poly.pdbx_strand_id   A,B,C,D
#
loop_
_chem_comp.id
_chem_comp.type
_chem_comp.name
_chem_comp.formula
ADP non-polymer ADENOSINE-5'-DIPHOSPHATE 'C10 H15 N5 O10 P2'
ATP non-polymer ADENOSINE-5'-TRIPHOSPHATE 'C10 H16 N5 O13 P3'
IP8 non-polymer 'Isopentenyl phosphate' 'C5 H11 O4 P'
IPE non-polymer '3-METHYLBUT-3-ENYL TRIHYDROGEN DIPHOSPHATE' 'C5 H12 O7 P2'
#
# COMPACT_ATOMS: atom_id res chain seq x y z
N THR A 4 25.87 0.54 0.65
CA THR A 4 24.44 0.28 0.98
C THR A 4 23.57 1.52 0.69
N MSE A 5 24.06 2.33 -0.25
CA MSE A 5 23.43 3.57 -0.71
C MSE A 5 22.04 3.42 -1.23
O MSE A 5 21.73 2.49 -1.96
CB MSE A 5 24.16 4.16 -1.93
CG MSE A 5 25.57 4.42 -1.80
SE MSE A 5 25.98 5.26 -3.54
CE MSE A 5 27.46 4.18 -4.23
N MSE A 6 21.25 4.43 -0.98
CA MSE A 6 19.95 4.48 -1.55
C MSE A 6 19.84 5.81 -2.28
O MSE A 6 20.34 6.80 -1.80
CB MSE A 6 18.90 4.42 -0.46
CG MSE A 6 17.52 4.55 -1.06
SE MSE A 6 16.13 4.67 0.24
CE MSE A 6 16.14 2.89 0.99
N ILE A 7 19.18 5.81 -3.42
CA ILE A 7 18.74 7.03 -4.05
C ILE A 7 17.22 7.00 -4.08
N LEU A 8 16.57 8.17 -3.97
CA LEU A 8 15.11 8.20 -3.84
C LEU A 8 14.46 9.34 -4.57
N LYS A 9 13.32 9.08 -5.22
CA LYS A 9 12.58 10.16 -5.90
C LYS A 9 11.25 10.35 -5.20
N ILE A 10 10.92 11.58 -4.91
CA ILE A 10 9.62 11.91 -4.33
C ILE A 10 8.74 12.38 -5.50
N GLY A 11 7.73 11.64 -5.83
CA GLY A 11 6.89 11.90 -7.00
C GLY A 11 6.02 13.13 -6.86
N GLY A 12 5.96 13.90 -7.94
CA GLY A 12 5.06 15.05 -8.00
C GLY A 12 3.61 14.70 -7.69
N SER A 13 3.18 13.46 -7.99
CA SER A 13 1.79 13.10 -7.80
C SER A 13 1.47 13.04 -6.29
N VAL A 14 2.50 12.89 -5.45
CA VAL A 14 2.23 12.74 -4.04
C VAL A 14 2.50 14.02 -3.19
N ILE A 15 3.46 14.85 -3.60
CA ILE A 15 3.69 16.14 -2.91
C ILE A 15 2.92 17.37 -3.50
N THR A 16 2.18 17.16 -4.59
CA THR A 16 1.39 18.23 -5.15
C THR A 16 0.04 17.68 -5.55
N ASP A 17 -0.94 18.56 -5.74
CA ASP A 17 -2.22 18.18 -6.36
C ASP A 17 -2.00 18.46 -7.82
N LYS A 18 -1.91 17.42 -8.63
CA LYS A 18 -1.49 17.53 -10.05
C LYS A 18 -2.54 18.27 -10.91
N SER A 19 -3.75 18.40 -10.39
CA SER A 19 -4.85 19.02 -11.16
C SER A 19 -4.99 20.54 -10.95
N ALA A 20 -4.26 21.10 -9.99
CA ALA A 20 -4.42 22.50 -9.63
C ALA A 20 -3.05 23.22 -9.54
N TYR A 21 -2.79 24.13 -10.48
CA TYR A 21 -1.51 24.84 -10.58
C TYR A 21 -0.93 25.28 -9.22
N ARG A 22 0.32 24.89 -8.94
CA ARG A 22 1.03 25.38 -7.74
C ARG A 22 0.33 24.99 -6.43
N THR A 23 -0.22 23.79 -6.38
CA THR A 23 -0.84 23.31 -5.15
C THR A 23 0.03 22.25 -4.52
N ALA A 24 0.69 22.62 -3.43
CA ALA A 24 1.64 21.71 -2.75
C ALA A 24 0.85 20.95 -1.71
N ARG A 25 1.34 19.79 -1.32
CA ARG A 25 0.70 19.08 -0.22
C ARG A 25 1.71 19.02 0.87
N THR A 26 1.62 20.03 1.72
CA THR A 26 2.63 20.25 2.75
C THR A 26 2.74 19.09 3.74
N TYR A 27 1.61 18.52 4.15
CA TYR A 27 1.62 17.39 5.06
C TYR A 27 2.41 16.20 4.52
N ALA A 28 2.24 15.92 3.24
CA ALA A 28 2.82 14.76 2.62
C ALA A 28 4.33 14.96 2.58
N ILE A 29 4.75 16.17 2.25
CA ILE A 29 6.16 16.57 2.14
C ILE A 29 6.80 16.35 3.51
N ARG A 30 6.15 16.84 4.56
CA ARG A 30 6.68 16.72 5.89
C ARG A 30 6.68 15.30 6.33
N SER A 31 5.59 14.62 6.05
CA SER A 31 5.48 13.23 6.43
C SER A 31 6.52 12.34 5.76
N ILE A 32 6.70 12.51 4.46
CA ILE A 32 7.75 11.81 3.74
C ILE A 32 9.19 12.16 4.30
N VAL A 33 9.49 13.44 4.42
CA VAL A 33 10.85 13.85 4.83
C VAL A 33 11.20 13.29 6.22
N LYS A 34 10.22 13.23 7.10
CA LYS A 34 10.47 12.64 8.41
C LYS A 34 11.01 11.21 8.25
N VAL A 35 10.36 10.42 7.41
CA VAL A 35 10.90 9.04 7.15
C VAL A 35 12.31 9.13 6.44
N LEU A 36 12.44 9.99 5.42
CA LEU A 36 13.71 10.05 4.71
C LEU A 36 14.86 10.37 5.67
N SER A 37 14.63 11.28 6.62
CA SER A 37 15.69 11.71 7.57
C SER A 37 16.23 10.56 8.46
N GLY A 38 15.44 9.49 8.64
CA GLY A 38 15.86 8.31 9.40
C GLY A 38 16.62 7.29 8.53
N ILE A 39 16.76 7.56 7.22
CA ILE A 39 17.39 6.61 6.28
C ILE A 39 18.90 6.89 6.23
N GLU A 40 19.70 6.03 6.84
CA GLU A 40 21.10 6.42 7.08
C GLU A 40 21.95 6.42 5.84
N ASP A 41 21.58 5.61 4.86
CA ASP A 41 22.38 5.58 3.66
C ASP A 41 21.73 6.28 2.47
N LEU A 42 20.77 7.15 2.74
CA LEU A 42 20.13 7.90 1.66
C LEU A 42 21.18 8.91 1.13
N VAL A 43 21.69 8.76 -0.11
CA VAL A 43 22.72 9.71 -0.60
C VAL A 43 22.25 10.83 -1.54
N CYS A 44 21.14 10.67 -2.21
CA CYS A 44 20.69 11.70 -3.16
C CYS A 44 19.12 11.68 -3.12
N VAL A 45 18.45 12.83 -3.10
CA VAL A 45 16.98 12.87 -3.24
C VAL A 45 16.63 13.61 -4.55
N VAL A 46 15.69 13.11 -5.32
CA VAL A 46 15.16 13.83 -6.48
C VAL A 46 13.69 14.06 -6.18
N HIS A 47 13.08 15.12 -6.73
CA HIS A 47 11.62 15.22 -6.70
C HIS A 47 11.01 15.68 -8.00
N GLY A 48 9.77 15.25 -8.24
CA GLY A 48 9.04 15.61 -9.42
C GLY A 48 8.35 16.95 -9.21
N GLY A 49 7.56 17.37 -10.19
CA GLY A 49 7.10 18.74 -10.22
C GLY A 49 5.59 18.83 -10.07
N GLY A 50 4.85 17.81 -10.51
CA GLY A 50 3.40 17.85 -10.44
C GLY A 50 2.84 19.18 -10.96
N SER A 51 1.91 19.80 -10.23
CA SER A 51 1.31 21.09 -10.64
C SER A 51 2.25 22.26 -10.63
N PHE A 52 3.48 22.08 -10.15
CA PHE A 52 4.45 23.15 -10.25
C PHE A 52 5.30 23.05 -11.52
N GLY A 53 5.08 22.03 -12.35
CA GLY A 53 5.85 21.68 -13.53
C GLY A 53 4.94 21.57 -14.75
N HIS A 54 4.17 20.59 -14.68
CA HIS A 54 3.55 20.04 -15.88
C HIS A 54 2.56 21.00 -16.54
N ILE A 55 1.82 21.75 -15.74
CA ILE A 55 0.73 22.60 -16.25
C ILE A 55 1.27 23.77 -17.03
N LYS A 56 2.19 24.55 -16.47
CA LYS A 56 2.81 25.62 -17.27
C LYS A 56 3.63 25.06 -18.44
N ALA A 57 4.34 23.95 -18.23
CA ALA A 57 5.13 23.36 -19.35
C ALA A 57 4.21 23.12 -20.53
N MSE A 58 3.09 22.46 -20.29
CA MSE A 58 2.18 22.22 -21.42
C MSE A 58 1.68 23.54 -22.01
O MSE A 58 1.73 23.72 -23.22
CB MSE A 58 0.99 21.36 -20.98
CG MSE A 58 0.09 20.92 -22.17
SE MSE A 58 -1.34 19.86 -21.41
CE MSE A 58 -0.26 18.78 -20.17
N GLU A 59 1.19 24.46 -21.19
CA GLU A 59 0.70 25.75 -21.70
C GLU A 59 1.74 26.56 -22.48
N PHE A 60 3.02 26.52 -22.09
CA PHE A 60 4.06 27.31 -22.75
C PHE A 60 4.82 26.56 -23.87
N GLY A 61 4.52 25.28 -24.14
CA GLY A 61 5.23 24.60 -25.23
C GLY A 61 6.60 23.99 -24.84
N LEU A 62 6.71 23.50 -23.61
CA LEU A 62 7.94 22.89 -23.08
C LEU A 62 7.73 21.37 -22.81
N PRO A 63 8.57 20.50 -23.38
CA PRO A 63 9.74 20.79 -24.21
C PRO A 63 9.28 21.14 -25.59
N GLY A 64 10.10 21.80 -26.37
CA GLY A 64 9.67 22.16 -27.69
C GLY A 64 10.59 23.22 -28.22
N PRO A 65 10.30 23.69 -29.42
CA PRO A 65 11.13 24.69 -30.09
C PRO A 65 11.17 25.99 -29.29
N LYS A 66 12.30 26.67 -29.40
CA LYS A 66 12.54 27.94 -28.74
C LYS A 66 11.73 28.94 -29.49
N ASN A 67 10.99 29.76 -28.74
CA ASN A 67 10.22 30.85 -29.34
C ASN A 67 9.83 31.79 -28.20
N PRO A 68 9.22 32.98 -28.49
CA PRO A 68 9.03 33.93 -27.34
C PRO A 68 8.18 33.40 -26.17
N ARG A 69 7.22 32.56 -26.49
CA ARG A 69 6.38 32.04 -25.44
C ARG A 69 7.14 30.98 -24.67
N SER A 70 7.79 30.04 -25.36
CA SER A 70 8.46 28.97 -24.64
C SER A 70 9.66 29.53 -23.87
N SER A 71 10.28 30.60 -24.34
CA SER A 71 11.38 31.28 -23.57
C SER A 71 10.84 31.94 -22.26
N ILE A 72 9.68 32.54 -22.35
CA ILE A 72 9.10 33.03 -21.15
C ILE A 72 8.69 31.88 -20.26
N GLY A 73 8.14 30.84 -20.85
CA GLY A 73 7.74 29.68 -20.03
C GLY A 73 8.95 29.04 -19.32
N TYR A 74 10.08 29.04 -19.97
CA TYR A 74 11.31 28.53 -19.34
C TYR A 74 11.55 29.16 -17.95
N SER A 75 11.52 30.48 -17.88
CA SER A 75 11.76 31.20 -16.60
C SER A 75 10.65 30.90 -15.58
N ILE A 76 9.40 30.81 -16.02
CA ILE A 76 8.28 30.57 -15.12
C ILE A 76 8.34 29.18 -14.55
N VAL A 77 8.55 28.18 -15.38
CA VAL A 77 8.54 26.79 -14.91
C VAL A 77 9.72 26.62 -13.93
N HIS A 78 10.88 27.12 -14.28
CA HIS A 78 12.01 26.98 -13.31
C HIS A 78 11.72 27.65 -11.95
N ARG A 79 11.20 28.90 -11.98
CA ARG A 79 10.84 29.61 -10.75
C ARG A 79 9.86 28.78 -9.89
N ASP A 80 8.79 28.35 -10.51
CA ASP A 80 7.80 27.43 -9.89
C ASP A 80 8.48 26.20 -9.30
N MSE A 81 9.37 25.52 -10.01
CA MSE A 81 10.01 24.30 -9.49
C MSE A 81 10.92 24.68 -8.30
O MSE A 81 11.02 23.95 -7.27
CB MSE A 81 10.84 23.58 -10.60
CG MSE A 81 9.99 22.87 -11.67
SE MSE A 81 8.83 21.49 -10.90
CE MSE A 81 10.24 20.58 -9.79
N GLU A 82 11.57 25.85 -8.39
CA GLU A 82 12.34 26.34 -7.22
C GLU A 82 11.47 26.51 -5.96
N ASN A 83 10.27 27.07 -6.12
CA ASN A 83 9.35 27.29 -5.00
C ASN A 83 8.98 25.98 -4.35
N LEU A 84 8.57 25.00 -5.16
CA LEU A 84 8.37 23.61 -4.65
C LEU A 84 9.61 23.03 -3.98
N ASP A 85 10.76 23.12 -4.63
CA ASP A 85 11.96 22.58 -4.08
C ASP A 85 12.24 23.19 -2.68
N LEU A 86 12.00 24.46 -2.47
CA LEU A 86 12.33 25.08 -1.17
C LEU A 86 11.43 24.53 -0.07
N MSE A 87 10.19 24.13 -0.39
CA MSE A 87 9.35 23.49 0.64
C MSE A 87 9.93 22.15 1.07
O MSE A 87 9.90 21.78 2.27
CB MSE A 87 7.92 23.27 0.13
CG MSE A 87 7.26 24.54 -0.36
SE MSE A 87 5.60 24.11 -1.18
CE MSE A 87 5.54 25.69 -2.39
N VAL A 88 10.48 21.39 0.13
CA VAL A 88 11.09 20.12 0.50
C VAL A 88 12.38 20.45 1.22
N ILE A 89 13.18 21.43 0.75
CA ILE A 89 14.44 21.74 1.46
C ILE A 89 14.13 22.19 2.96
N ASP A 90 13.09 22.99 3.17
CA ASP A 90 12.80 23.53 4.50
C ASP A 90 12.45 22.32 5.43
N ALA A 91 11.73 21.34 4.90
CA ALA A 91 11.31 20.20 5.69
C ALA A 91 12.52 19.37 6.08
N MSE A 92 13.47 19.26 5.16
CA MSE A 92 14.66 18.45 5.42
C MSE A 92 15.52 19.11 6.49
O MSE A 92 16.08 18.44 7.32
CB MSE A 92 15.45 18.29 4.10
CG MSE A 92 14.69 17.29 3.08
SE MSE A 92 15.69 17.09 1.35
CE MSE A 92 17.28 16.12 1.81
N ILE A 93 15.66 20.42 6.41
CA ILE A 93 16.43 21.23 7.36
C ILE A 93 15.77 21.09 8.75
N GLU A 94 14.44 21.18 8.81
CA GLU A 94 13.68 20.93 10.05
C GLU A 94 14.04 19.59 10.70
N MSE A 95 14.25 18.49 9.91
CA MSE A 95 14.58 17.18 10.45
C MSE A 95 16.10 17.05 10.69
O MSE A 95 16.57 16.01 11.05
CB MSE A 95 14.19 16.03 9.55
CG MSE A 95 12.69 15.93 9.32
SE MSE A 95 11.80 15.68 11.01
CE MSE A 95 12.90 14.36 11.77
N GLY A 96 16.82 18.12 10.48
CA GLY A 96 18.25 18.17 10.84
C GLY A 96 19.13 17.57 9.71
N MSE A 97 18.53 17.25 8.55
CA MSE A 97 19.36 16.79 7.39
C MSE A 97 20.17 18.00 6.89
O MSE A 97 19.96 19.16 7.30
CB MSE A 97 18.54 16.19 6.24
CG MSE A 97 17.47 15.20 6.66
SE MSE A 97 16.39 14.43 5.29
CE MSE A 97 17.71 13.43 4.37
N ARG A 98 21.07 17.74 5.98
CA ARG A 98 21.94 18.76 5.40
C ARG A 98 21.73 18.76 3.90
N PRO A 99 20.54 19.21 3.44
CA PRO A 99 20.25 19.16 2.01
C PRO A 99 20.91 20.33 1.31
N ILE A 100 21.08 20.19 0.01
CA ILE A 100 21.52 21.31 -0.81
C ILE A 100 20.95 21.10 -2.23
N SER A 101 20.26 22.08 -2.76
CA SER A 101 19.62 21.81 -4.06
C SER A 101 20.65 21.99 -5.15
N VAL A 102 20.64 21.13 -6.16
CA VAL A 102 21.52 21.29 -7.30
C VAL A 102 20.62 21.17 -8.55
N PRO A 103 20.19 22.29 -9.06
CA PRO A 103 19.21 22.27 -10.17
C PRO A 103 19.86 21.86 -11.48
N ILE A 104 19.20 20.98 -12.23
CA ILE A 104 19.68 20.55 -13.54
C ILE A 104 19.86 21.77 -14.50
N SER A 105 18.99 22.79 -14.33
CA SER A 105 19.09 24.02 -15.14
C SER A 105 20.40 24.78 -14.98
N ALA A 106 21.18 24.48 -13.93
CA ALA A 106 22.40 25.25 -13.66
C ALA A 106 23.62 24.44 -14.02
N LEU A 107 23.41 23.24 -14.57
CA LEU A 107 24.53 22.34 -14.92
C LEU A 107 24.92 22.52 -16.41
N ARG A 108 26.20 22.33 -16.77
CA ARG A 108 26.55 22.26 -18.23
C ARG A 108 25.91 21.03 -18.80
N TYR A 109 25.49 21.10 -20.06
CA TYR A 109 24.88 19.97 -20.73
C TYR A 109 25.52 19.83 -22.07
N ASP A 110 25.92 18.62 -22.45
CA ASP A 110 26.56 18.45 -23.77
C ASP A 110 26.05 17.08 -24.30
N GLY A 111 24.79 16.77 -23.93
CA GLY A 111 24.21 15.47 -24.20
C GLY A 111 24.08 14.64 -22.93
N ARG A 112 24.97 14.86 -21.97
CA ARG A 112 24.73 14.48 -20.59
C ARG A 112 24.96 15.69 -19.74
N PHE A 113 24.51 15.65 -18.49
CA PHE A 113 24.66 16.82 -17.60
C PHE A 113 25.94 16.64 -16.82
N ASP A 114 26.67 17.72 -16.54
CA ASP A 114 27.86 17.62 -15.69
C ASP A 114 27.45 17.71 -14.19
N TYR A 115 27.37 16.52 -13.56
CA TYR A 115 26.92 16.38 -12.18
C TYR A 115 28.08 16.53 -11.18
N THR A 116 29.22 17.04 -11.67
CA THR A 116 30.38 17.17 -10.78
C THR A 116 30.02 17.86 -9.46
N PRO A 117 29.24 18.97 -9.47
CA PRO A 117 28.91 19.65 -8.19
C PRO A 117 28.11 18.77 -7.22
N LEU A 118 27.17 18.02 -7.74
CA LEU A 118 26.40 17.04 -6.95
C LEU A 118 27.27 15.92 -6.32
N ILE A 119 28.23 15.40 -7.08
CA ILE A 119 29.20 14.43 -6.54
C ILE A 119 30.11 15.09 -5.46
N ARG A 120 30.60 16.32 -5.68
CA ARG A 120 31.29 17.04 -4.58
C ARG A 120 30.41 17.15 -3.32
N TYR A 121 29.09 17.34 -3.48
CA TYR A 121 28.23 17.49 -2.28
C TYR A 121 28.11 16.14 -1.54
N ILE A 122 27.91 15.06 -2.29
CA ILE A 122 27.84 13.72 -1.66
C ILE A 122 29.17 13.48 -0.93
N ASP A 123 30.28 13.74 -1.60
CA ASP A 123 31.61 13.39 -1.00
C ASP A 123 31.74 14.20 0.31
N ALA A 124 31.27 15.43 0.33
CA ALA A 124 31.46 16.25 1.53
C ALA A 124 30.40 15.96 2.61
N GLY A 125 29.50 15.05 2.35
CA GLY A 125 28.52 14.64 3.36
C GLY A 125 27.15 15.30 3.27
N PHE A 126 26.87 16.13 2.25
CA PHE A 126 25.51 16.65 2.05
C PHE A 126 24.60 15.67 1.34
N VAL A 127 23.30 15.90 1.44
CA VAL A 127 22.35 15.16 0.63
C VAL A 127 21.92 16.13 -0.46
N PRO A 128 22.43 15.96 -1.68
CA PRO A 128 21.97 16.87 -2.73
C PRO A 128 20.55 16.52 -3.14
N VAL A 129 19.81 17.56 -3.54
CA VAL A 129 18.39 17.45 -3.87
C VAL A 129 18.25 18.04 -5.26
N SER A 130 17.72 17.26 -6.19
CA SER A 130 17.52 17.81 -7.51
C SER A 130 16.12 17.44 -7.94
N TYR A 131 15.68 17.95 -9.09
CA TYR A 131 14.26 17.89 -9.49
C TYR A 131 14.05 18.10 -10.98
N GLY A 132 12.96 17.53 -11.51
CA GLY A 132 12.51 17.75 -12.89
C GLY A 132 12.58 19.22 -13.21
N ASP A 133 13.15 19.56 -14.37
CA ASP A 133 13.55 20.97 -14.64
C ASP A 133 13.64 21.23 -16.14
N VAL A 134 13.69 22.51 -16.51
CA VAL A 134 13.91 22.87 -17.91
C VAL A 134 15.38 22.79 -18.18
N TYR A 135 15.79 22.61 -19.44
CA TYR A 135 17.21 22.90 -19.79
C TYR A 135 17.27 23.25 -21.23
N ILE A 136 18.40 23.75 -21.68
CA ILE A 136 18.52 24.11 -23.11
C ILE A 136 19.11 22.94 -23.84
N LYS A 137 18.29 22.27 -24.65
CA LYS A 137 18.65 20.96 -25.15
C LYS A 137 19.59 21.14 -26.36
N ASP A 138 19.29 22.16 -27.18
CA ASP A 138 20.12 22.52 -28.33
C ASP A 138 19.76 23.94 -28.81
N GLU A 139 20.53 24.49 -29.76
CA GLU A 139 20.34 25.88 -30.23
C GLU A 139 18.86 26.27 -30.55
N HIS A 140 18.05 25.30 -31.01
CA HIS A 140 16.65 25.53 -31.39
C HIS A 140 15.56 24.96 -30.48
N SER A 141 15.92 24.30 -29.36
CA SER A 141 15.01 23.45 -28.56
C SER A 141 15.23 23.58 -27.04
N TYR A 142 14.15 23.70 -26.27
CA TYR A 142 14.21 23.62 -24.82
C TYR A 142 13.73 22.25 -24.46
N GLY A 143 14.41 21.59 -23.51
CA GLY A 143 13.90 20.33 -23.04
C GLY A 143 13.40 20.34 -21.62
N ILE A 144 12.73 19.27 -21.22
CA ILE A 144 12.33 19.13 -19.78
C ILE A 144 12.99 17.83 -19.38
N TYR A 145 13.89 17.87 -18.42
CA TYR A 145 14.47 16.63 -17.91
C TYR A 145 13.70 16.16 -16.66
N SER A 146 13.06 15.01 -16.68
CA SER A 146 12.14 14.72 -15.57
C SER A 146 12.88 14.10 -14.35
N GLY A 147 12.19 14.04 -13.22
CA GLY A 147 12.76 13.42 -12.01
C GLY A 147 13.21 12.00 -12.32
N ASP A 148 12.47 11.28 -13.16
CA ASP A 148 12.79 9.93 -13.49
C ASP A 148 14.10 9.88 -14.32
N ASP A 149 14.29 10.82 -15.26
CA ASP A 149 15.50 10.89 -16.09
C ASP A 149 16.70 11.12 -15.17
N ILE A 150 16.49 11.94 -14.14
CA ILE A 150 17.58 12.25 -13.21
C ILE A 150 17.90 11.01 -12.43
N MSE A 151 16.87 10.32 -11.92
CA MSE A 151 17.09 9.04 -11.21
C MSE A 151 17.90 8.04 -12.07
O MSE A 151 18.88 7.44 -11.59
CB MSE A 151 15.75 8.41 -10.79
CG MSE A 151 15.10 9.18 -9.63
SE MSE A 151 16.10 8.85 -7.96
CE MSE A 151 15.16 7.20 -7.62
N ALA A 152 17.50 7.90 -13.34
CA ALA A 152 18.20 6.99 -14.24
C ALA A 152 19.67 7.32 -14.23
N ASP A 153 19.98 8.63 -14.36
CA ASP A 153 21.36 9.12 -14.41
C ASP A 153 22.11 8.86 -13.11
N MSE A 154 21.47 9.14 -11.96
CA MSE A 154 22.08 8.81 -10.67
C MSE A 154 22.36 7.27 -10.52
O MSE A 154 23.40 6.85 -9.98
CB MSE A 154 21.19 9.30 -9.51
CG MSE A 154 21.13 10.81 -9.41
SE MSE A 154 22.83 11.63 -9.48
CE MSE A 154 23.02 11.83 -11.46
N ALA A 155 21.43 6.47 -11.02
CA ALA A 155 21.54 5.03 -10.85
C ALA A 155 22.77 4.61 -11.65
N GLU A 156 22.91 5.12 -12.88
CA GLU A 156 24.08 4.78 -13.72
C GLU A 156 25.39 5.30 -13.11
N LEU A 157 25.40 6.54 -12.61
CA LEU A 157 26.61 7.17 -12.05
C LEU A 157 27.05 6.53 -10.68
N LEU A 158 26.11 6.42 -9.77
CA LEU A 158 26.43 6.04 -8.40
C LEU A 158 26.42 4.53 -8.21
N LYS A 159 25.71 3.79 -9.06
CA LYS A 159 25.56 2.32 -8.88
C LYS A 159 25.05 1.98 -7.47
N PRO A 160 23.95 2.61 -7.06
CA PRO A 160 23.52 2.43 -5.67
C PRO A 160 23.00 1.03 -5.45
N ASP A 161 22.89 0.68 -4.17
CA ASP A 161 22.29 -0.63 -3.78
C ASP A 161 20.76 -0.73 -3.98
N VAL A 162 20.08 0.37 -3.79
CA VAL A 162 18.62 0.42 -3.81
C VAL A 162 18.14 1.75 -4.42
N ALA A 163 17.08 1.73 -5.24
CA ALA A 163 16.49 2.97 -5.69
C ALA A 163 14.98 2.91 -5.46
N VAL A 164 14.43 3.93 -4.83
CA VAL A 164 13.02 3.99 -4.46
C VAL A 164 12.31 5.15 -5.17
N PHE A 165 11.11 4.91 -5.70
CA PHE A 165 10.28 5.95 -6.30
C PHE A 165 9.03 5.99 -5.50
N LEU A 166 8.60 7.17 -5.03
CA LEU A 166 7.33 7.33 -4.30
C LEU A 166 6.33 8.04 -5.23
N THR A 167 5.12 7.49 -5.30
CA THR A 167 4.09 8.02 -6.14
C THR A 167 2.84 7.94 -5.29
N ASP A 168 1.67 8.27 -5.82
CA ASP A 168 0.53 8.33 -4.92
C ASP A 168 -0.35 7.08 -4.99
N VAL A 169 0.17 5.97 -5.50
CA VAL A 169 -0.54 4.68 -5.53
C VAL A 169 0.42 3.61 -4.95
N ASP A 170 -0.06 2.39 -4.78
CA ASP A 170 0.61 1.42 -3.92
C ASP A 170 1.81 0.77 -4.64
N GLY A 171 1.76 0.78 -5.98
CA GLY A 171 2.81 0.21 -6.84
C GLY A 171 2.43 0.24 -8.33
N ILE A 172 3.17 -0.49 -9.15
CA ILE A 172 2.77 -0.68 -10.55
C ILE A 172 1.63 -1.71 -10.58
N TYR A 173 0.53 -1.31 -11.17
CA TYR A 173 -0.62 -2.22 -11.35
C TYR A 173 -0.79 -2.68 -12.78
N SER A 174 -1.59 -3.73 -12.98
CA SER A 174 -2.03 -4.17 -14.32
C SER A 174 -2.69 -3.03 -15.14
N LYS A 175 -3.44 -2.17 -14.46
CA LYS A 175 -4.15 -1.07 -15.09
C LYS A 175 -4.26 0.07 -14.07
N ASP A 176 -4.58 1.29 -14.51
CA ASP A 176 -4.67 2.41 -13.59
C ASP A 176 -5.62 2.07 -12.45
N PRO A 177 -5.11 1.99 -11.22
CA PRO A 177 -5.99 1.63 -10.12
C PRO A 177 -7.05 2.68 -9.86
N LYS A 178 -6.88 3.88 -10.43
CA LYS A 178 -7.82 4.98 -10.16
C LYS A 178 -9.03 4.94 -11.10
N ARG A 179 -8.83 4.57 -12.34
CA ARG A 179 -9.91 4.39 -13.23
C ARG A 179 -10.59 3.04 -12.99
N ASN A 180 -9.87 1.94 -13.18
CA ASN A 180 -10.47 0.63 -13.12
C ASN A 180 -10.21 -0.04 -11.78
N PRO A 181 -11.23 -0.07 -10.95
CA PRO A 181 -11.02 -0.48 -9.55
C PRO A 181 -10.69 -1.98 -9.39
N ASP A 182 -10.53 -2.65 -10.53
CA ASP A 182 -10.21 -4.07 -10.57
C ASP A 182 -8.70 -4.34 -10.50
N ALA A 183 -7.89 -3.41 -10.99
CA ALA A 183 -6.46 -3.63 -11.29
C ALA A 183 -5.66 -4.48 -10.27
N VAL A 184 -4.74 -5.31 -10.74
CA VAL A 184 -3.91 -6.13 -9.83
C VAL A 184 -2.52 -5.46 -9.57
N LEU A 185 -2.00 -5.55 -8.35
CA LEU A 185 -0.70 -5.00 -7.98
C LEU A 185 0.36 -5.97 -8.44
N LEU A 186 1.27 -5.52 -9.31
CA LEU A 186 2.43 -6.31 -9.62
C LEU A 186 3.45 -6.11 -8.46
N ARG A 187 3.40 -6.99 -7.47
CA ARG A 187 4.26 -6.84 -6.32
C ARG A 187 5.75 -7.13 -6.64
N ASP A 188 6.01 -7.70 -7.83
CA ASP A 188 7.32 -8.23 -8.22
C ASP A 188 7.38 -8.29 -9.76
N ILE A 189 8.40 -7.68 -10.33
CA ILE A 189 8.62 -7.71 -11.75
C ILE A 189 10.06 -8.21 -12.01
N ASP A 190 10.16 -9.27 -12.78
CA ASP A 190 11.44 -9.88 -13.06
C ASP A 190 11.98 -9.38 -14.39
N THR A 191 13.26 -9.04 -14.43
CA THR A 191 13.91 -8.57 -15.64
C THR A 191 14.27 -9.78 -16.52
N ASN A 192 13.22 -10.54 -16.88
CA ASN A 192 13.32 -11.76 -17.68
C ASN A 192 12.09 -11.89 -18.59
N ILE A 206 2.94 6.61 -16.50
CA ILE A 206 3.36 5.39 -15.79
C ILE A 206 4.20 4.48 -16.68
N GLY A 207 3.87 4.47 -17.97
CA GLY A 207 4.57 3.66 -18.94
C GLY A 207 6.04 4.06 -19.03
N LYS A 208 6.34 5.35 -19.16
CA LYS A 208 7.74 5.80 -19.30
C LYS A 208 8.54 5.59 -18.01
N LYS A 209 7.90 5.81 -16.85
CA LYS A 209 8.55 5.53 -15.58
C LYS A 209 8.94 4.03 -15.50
N PHE A 210 8.01 3.15 -15.84
CA PHE A 210 8.28 1.72 -15.77
C PHE A 210 9.48 1.38 -16.62
N GLU A 211 9.51 1.95 -17.81
CA GLU A 211 10.63 1.74 -18.71
C GLU A 211 11.91 2.30 -18.09
N SER A 212 11.87 3.43 -17.41
CA SER A 212 13.09 3.91 -16.82
C SER A 212 13.50 2.98 -15.67
N MSE A 213 12.54 2.48 -14.92
CA MSE A 213 12.95 1.68 -13.75
C MSE A 213 13.60 0.38 -14.18
O MSE A 213 14.58 -0.12 -13.54
CB MSE A 213 11.77 1.40 -12.85
CG MSE A 213 11.18 2.67 -12.32
SE MSE A 213 9.71 2.24 -11.20
CE MSE A 213 8.31 1.76 -12.35
N VAL A 214 13.07 -0.20 -15.25
CA VAL A 214 13.62 -1.44 -15.75
C VAL A 214 15.03 -1.19 -16.27
N LYS A 215 15.21 -0.15 -17.07
CA LYS A 215 16.54 0.22 -17.50
C LYS A 215 17.51 0.35 -16.31
N MSE A 216 17.11 1.05 -15.26
CA MSE A 216 17.95 1.31 -14.11
C MSE A 216 18.35 0.08 -13.40
O MSE A 216 19.36 0.11 -12.69
CB MSE A 216 17.18 2.12 -13.07
CG MSE A 216 17.26 3.52 -13.35
SE MSE A 216 15.95 4.36 -12.28
CE MSE A 216 16.75 4.19 -10.61
N LYS A 217 17.54 -0.96 -13.51
CA LYS A 217 17.74 -2.13 -12.64
C LYS A 217 19.12 -2.72 -12.87
N SER A 218 19.68 -2.57 -14.05
CA SER A 218 20.97 -3.19 -14.35
C SER A 218 22.11 -2.48 -13.63
N SER A 219 21.83 -1.32 -13.07
CA SER A 219 22.84 -0.61 -12.24
C SER A 219 22.59 -0.67 -10.74
N VAL A 220 21.43 -1.18 -10.33
CA VAL A 220 20.96 -1.11 -8.95
C VAL A 220 20.86 -2.54 -8.39
N LYS A 221 21.87 -2.93 -7.63
CA LYS A 221 22.12 -4.31 -7.20
C LYS A 221 20.95 -4.99 -6.52
N ASN A 222 20.29 -4.26 -5.61
CA ASN A 222 19.28 -4.85 -4.75
C ASN A 222 17.85 -4.37 -5.06
N GLY A 223 17.59 -3.85 -6.22
CA GLY A 223 16.20 -3.65 -6.62
C GLY A 223 15.77 -2.20 -6.72
N VAL A 224 14.82 -1.95 -7.61
CA VAL A 224 14.19 -0.68 -7.80
C VAL A 224 12.73 -0.80 -7.33
N TYR A 225 12.28 0.09 -6.45
CA TYR A 225 11.00 -0.07 -5.78
C TYR A 225 10.08 1.06 -6.14
N LEU A 226 8.79 0.75 -6.36
CA LEU A 226 7.76 1.78 -6.34
C LEU A 226 6.93 1.62 -5.07
N ILE A 227 6.78 2.70 -4.30
CA ILE A 227 6.10 2.65 -3.02
C ILE A 227 5.11 3.81 -2.92
N ASN A 228 4.01 3.64 -2.22
CA ASN A 228 3.05 4.73 -2.02
C ASN A 228 3.61 5.78 -1.05
N GLY A 229 3.79 7.00 -1.53
CA GLY A 229 4.37 8.07 -0.75
C GLY A 229 3.44 8.56 0.36
N ASN A 230 2.18 8.15 0.30
CA ASN A 230 1.18 8.45 1.33
C ASN A 230 1.37 7.54 2.53
N HIS A 231 2.07 6.45 2.34
CA HIS A 231 2.50 5.61 3.48
C HIS A 231 4.02 5.39 3.46
N PRO A 232 4.79 6.47 3.69
CA PRO A 232 6.25 6.45 3.48
C PRO A 232 6.96 5.47 4.42
N GLU A 233 6.33 5.08 5.53
CA GLU A 233 7.01 4.15 6.43
C GLU A 233 7.23 2.76 5.77
N ARG A 234 6.52 2.49 4.69
CA ARG A 234 6.72 1.29 3.91
C ARG A 234 8.14 1.21 3.39
N ILE A 235 8.85 2.34 3.32
CA ILE A 235 10.26 2.29 2.91
C ILE A 235 11.06 1.43 3.89
N GLY A 236 10.70 1.49 5.16
CA GLY A 236 11.39 0.66 6.13
C GLY A 236 11.03 -0.82 6.00
N ASP A 237 10.01 -1.18 5.21
CA ASP A 237 9.63 -2.57 5.06
C ASP A 237 10.29 -3.22 3.86
N ILE A 238 11.19 -2.51 3.16
CA ILE A 238 11.88 -3.13 2.06
C ILE A 238 12.63 -4.37 2.57
N GLY A 239 12.53 -5.48 1.85
CA GLY A 239 13.29 -6.66 2.22
C GLY A 239 12.61 -7.51 3.30
N LYS A 240 11.41 -7.15 3.70
CA LYS A 240 10.68 -7.83 4.76
C LYS A 240 9.35 -8.36 4.25
N GLU A 241 8.77 -9.32 4.97
CA GLU A 241 7.59 -9.99 4.47
C GLU A 241 6.42 -9.03 4.42
N SER A 242 6.47 -7.94 5.17
CA SER A 242 5.31 -7.05 5.26
C SER A 242 5.32 -5.96 4.16
N PHE A 243 6.33 -5.98 3.31
CA PHE A 243 6.46 -4.94 2.31
C PHE A 243 5.25 -4.88 1.39
N ILE A 244 4.81 -3.65 1.12
CA ILE A 244 3.74 -3.35 0.17
C ILE A 244 4.20 -2.37 -0.89
N GLY A 245 4.23 -2.81 -2.16
CA GLY A 245 4.57 -1.97 -3.29
C GLY A 245 5.12 -2.89 -4.34
N THR A 246 5.86 -2.34 -5.33
CA THR A 246 6.43 -3.11 -6.42
C THR A 246 7.96 -3.16 -6.35
N VAL A 247 8.56 -4.36 -6.40
CA VAL A 247 10.00 -4.46 -6.61
C VAL A 247 10.32 -4.93 -8.02
N ILE A 248 11.19 -4.21 -8.70
CA ILE A 248 11.72 -4.68 -9.95
C ILE A 248 13.03 -5.40 -9.61
N ARG A 249 13.21 -6.64 -10.08
CA ARG A 249 14.39 -7.43 -9.66
C ARG A 249 15.27 -7.96 -10.81
N THR B 4 -7.83 -33.87 -19.34
CA THR B 4 -6.79 -34.15 -18.27
C THR B 4 -7.30 -33.65 -16.89
N MSE B 5 -7.64 -34.56 -15.96
CA MSE B 5 -8.15 -34.20 -14.60
C MSE B 5 -7.17 -33.29 -13.89
O MSE B 5 -5.98 -33.59 -13.85
CB MSE B 5 -8.21 -35.43 -13.70
CG MSE B 5 -9.56 -35.96 -13.37
SE MSE B 5 -9.19 -37.19 -11.92
CE MSE B 5 -8.50 -38.74 -12.90
N MSE B 6 -7.68 -32.24 -13.25
CA MSE B 6 -6.82 -31.37 -12.47
C MSE B 6 -7.26 -31.23 -10.99
O MSE B 6 -8.43 -31.13 -10.74
CB MSE B 6 -6.86 -29.96 -13.09
CG MSE B 6 -5.90 -29.09 -12.33
SE MSE B 6 -5.94 -27.23 -12.98
CE MSE B 6 -5.08 -27.41 -14.80
N ILE B 7 -6.30 -31.20 -10.05
CA ILE B 7 -6.60 -30.84 -8.68
C ILE B 7 -5.79 -29.57 -8.39
N LEU B 8 -6.32 -28.70 -7.55
CA LEU B 8 -5.67 -27.40 -7.40
C LEU B 8 -5.77 -26.95 -5.97
N LYS B 9 -4.71 -26.31 -5.45
CA LYS B 9 -4.78 -25.73 -4.13
C LYS B 9 -4.69 -24.19 -4.22
N ILE B 10 -5.55 -23.48 -3.51
CA ILE B 10 -5.41 -22.02 -3.34
C ILE B 10 -4.71 -21.72 -1.98
N GLY B 11 -3.52 -21.19 -2.06
CA GLY B 11 -2.70 -20.96 -0.88
C GLY B 11 -3.33 -19.91 -0.01
N GLY B 12 -3.28 -20.13 1.28
CA GLY B 12 -3.74 -19.15 2.23
C GLY B 12 -2.87 -17.87 2.11
N SER B 13 -1.69 -17.99 1.52
CA SER B 13 -0.80 -16.83 1.45
C SER B 13 -1.35 -15.83 0.41
N VAL B 14 -2.07 -16.32 -0.61
CA VAL B 14 -2.63 -15.43 -1.65
C VAL B 14 -4.04 -14.93 -1.38
N ILE B 15 -4.81 -15.69 -0.58
CA ILE B 15 -6.21 -15.28 -0.29
C ILE B 15 -6.44 -14.70 1.10
N THR B 16 -5.40 -14.60 1.92
CA THR B 16 -5.47 -13.93 3.18
C THR B 16 -4.24 -13.06 3.36
N ASP B 17 -4.30 -12.13 4.29
CA ASP B 17 -3.07 -11.48 4.72
C ASP B 17 -2.56 -12.30 5.91
N LYS B 18 -1.48 -13.04 5.73
CA LYS B 18 -1.04 -14.03 6.73
C LYS B 18 -0.60 -13.38 8.03
N SER B 19 -0.23 -12.11 7.95
CA SER B 19 0.26 -11.42 9.16
C SER B 19 -0.88 -10.84 10.04
N ALA B 20 -2.12 -10.87 9.55
CA ALA B 20 -3.23 -10.27 10.27
C ALA B 20 -4.43 -11.18 10.48
N TYR B 21 -4.75 -11.47 11.74
CA TYR B 21 -5.85 -12.37 12.08
C TYR B 21 -7.10 -12.15 11.26
N ARG B 22 -7.62 -13.24 10.69
CA ARG B 22 -8.91 -13.24 9.98
C ARG B 22 -8.97 -12.11 8.95
N THR B 23 -7.89 -11.93 8.22
CA THR B 23 -7.91 -10.94 7.14
C THR B 23 -7.84 -11.60 5.79
N ALA B 24 -8.96 -11.55 5.07
CA ALA B 24 -9.16 -12.16 3.74
C ALA B 24 -8.84 -11.15 2.61
N ARG B 25 -8.34 -11.64 1.48
CA ARG B 25 -8.16 -10.83 0.29
C ARG B 25 -9.28 -11.21 -0.63
N THR B 26 -10.41 -10.54 -0.51
CA THR B 26 -11.62 -10.87 -1.25
C THR B 26 -11.42 -10.75 -2.74
N TYR B 27 -10.70 -9.74 -3.13
CA TYR B 27 -10.50 -9.48 -4.53
C TYR B 27 -9.69 -10.62 -5.07
N ALA B 28 -8.69 -11.08 -4.30
CA ALA B 28 -7.83 -12.21 -4.74
C ALA B 28 -8.69 -13.47 -4.89
N ILE B 29 -9.57 -13.72 -3.93
CA ILE B 29 -10.44 -14.89 -4.05
C ILE B 29 -11.24 -14.87 -5.38
N ARG B 30 -11.85 -13.74 -5.69
CA ARG B 30 -12.76 -13.67 -6.82
C ARG B 30 -11.97 -13.82 -8.09
N SER B 31 -10.83 -13.15 -8.15
CA SER B 31 -10.03 -13.14 -9.37
C SER B 31 -9.55 -14.57 -9.67
N ILE B 32 -9.13 -15.25 -8.62
CA ILE B 32 -8.75 -16.66 -8.78
C ILE B 32 -9.97 -17.54 -9.18
N VAL B 33 -11.10 -17.42 -8.50
CA VAL B 33 -12.19 -18.36 -8.77
C VAL B 33 -12.76 -18.14 -10.18
N LYS B 34 -12.77 -16.88 -10.60
CA LYS B 34 -13.16 -16.57 -11.99
C LYS B 34 -12.38 -17.44 -12.98
N VAL B 35 -11.07 -17.59 -12.76
CA VAL B 35 -10.27 -18.43 -13.63
C VAL B 35 -10.53 -19.92 -13.40
N LEU B 36 -10.60 -20.34 -12.12
CA LEU B 36 -10.92 -21.75 -11.84
C LEU B 36 -12.21 -22.19 -12.53
N SER B 37 -13.21 -21.31 -12.57
CA SER B 37 -14.54 -21.68 -13.10
C SER B 37 -14.45 -22.03 -14.56
N GLY B 38 -13.44 -21.53 -15.24
CA GLY B 38 -13.26 -21.79 -16.66
C GLY B 38 -12.56 -23.12 -16.93
N ILE B 39 -11.99 -23.73 -15.89
CA ILE B 39 -11.18 -24.96 -16.08
C ILE B 39 -12.05 -26.22 -16.10
N GLU B 40 -12.30 -26.74 -17.31
CA GLU B 40 -13.37 -27.72 -17.41
C GLU B 40 -13.02 -29.06 -16.75
N ASP B 41 -11.75 -29.43 -16.64
CA ASP B 41 -11.52 -30.68 -15.91
C ASP B 41 -11.01 -30.52 -14.44
N LEU B 42 -11.31 -29.38 -13.83
CA LEU B 42 -10.92 -29.14 -12.44
C LEU B 42 -11.81 -30.00 -11.55
N VAL B 43 -11.28 -31.02 -10.87
CA VAL B 43 -12.18 -31.93 -10.14
C VAL B 43 -12.29 -31.68 -8.63
N CYS B 44 -11.35 -30.98 -8.03
CA CYS B 44 -11.31 -30.89 -6.58
C CYS B 44 -10.51 -29.61 -6.27
N VAL B 45 -10.94 -28.80 -5.30
CA VAL B 45 -10.19 -27.60 -5.01
C VAL B 45 -9.85 -27.70 -3.52
N VAL B 46 -8.61 -27.35 -3.12
CA VAL B 46 -8.25 -27.30 -1.71
C VAL B 46 -7.87 -25.85 -1.45
N HIS B 47 -8.13 -25.31 -0.26
CA HIS B 47 -7.51 -24.03 0.06
C HIS B 47 -6.78 -24.11 1.41
N GLY B 48 -5.71 -23.34 1.57
CA GLY B 48 -5.06 -23.16 2.86
C GLY B 48 -5.83 -22.16 3.74
N GLY B 49 -5.24 -21.88 4.90
CA GLY B 49 -5.86 -21.06 5.88
C GLY B 49 -5.23 -19.70 6.06
N GLY B 50 -3.92 -19.54 5.87
CA GLY B 50 -3.32 -18.25 6.14
C GLY B 50 -3.74 -17.74 7.54
N SER B 51 -4.17 -16.48 7.66
CA SER B 51 -4.40 -15.87 9.00
C SER B 51 -5.74 -16.32 9.61
N PHE B 52 -6.47 -17.19 8.90
CA PHE B 52 -7.65 -17.79 9.45
C PHE B 52 -7.33 -19.15 10.06
N GLY B 53 -6.09 -19.61 10.00
CA GLY B 53 -5.71 -20.88 10.65
C GLY B 53 -4.49 -20.78 11.58
N HIS B 54 -3.37 -20.34 11.04
CA HIS B 54 -2.11 -20.39 11.76
C HIS B 54 -1.97 -19.55 13.04
N ILE B 55 -2.62 -18.41 13.11
CA ILE B 55 -2.36 -17.45 14.20
C ILE B 55 -2.96 -18.04 15.46
N LYS B 56 -4.21 -18.49 15.37
CA LYS B 56 -4.84 -19.09 16.52
C LYS B 56 -4.30 -20.51 16.80
N ALA B 57 -3.83 -21.23 15.79
CA ALA B 57 -3.26 -22.56 16.06
C ALA B 57 -2.03 -22.34 16.95
N MSE B 58 -1.19 -21.39 16.57
CA MSE B 58 -0.01 -21.12 17.40
C MSE B 58 -0.40 -20.70 18.81
O MSE B 58 0.11 -21.26 19.78
CB MSE B 58 0.85 -20.03 16.77
CG MSE B 58 1.69 -20.54 15.57
SE MSE B 58 2.95 -19.08 15.12
CE MSE B 58 1.66 -18.04 14.12
N GLU B 59 -1.33 -19.75 18.93
CA GLU B 59 -1.81 -19.26 20.23
C GLU B 59 -2.34 -20.38 21.15
N PHE B 60 -3.10 -21.33 20.61
CA PHE B 60 -3.79 -22.29 21.41
C PHE B 60 -3.06 -23.64 21.45
N GLY B 61 -1.88 -23.70 20.85
CA GLY B 61 -1.12 -24.95 20.91
C GLY B 61 -1.49 -26.11 19.95
N LEU B 62 -1.73 -25.78 18.68
CA LEU B 62 -2.19 -26.75 17.67
C LEU B 62 -1.18 -26.73 16.53
N PRO B 63 -0.79 -27.89 16.00
CA PRO B 63 -1.10 -29.25 16.47
C PRO B 63 -0.39 -29.47 17.83
N GLY B 64 -0.89 -30.38 18.63
CA GLY B 64 -0.21 -30.60 19.91
C GLY B 64 -1.02 -31.47 20.83
N PRO B 65 -0.52 -31.65 22.05
CA PRO B 65 -1.27 -32.48 23.00
C PRO B 65 -2.64 -31.89 23.28
N LYS B 66 -3.53 -32.78 23.64
CA LYS B 66 -4.88 -32.40 23.99
C LYS B 66 -4.86 -31.79 25.36
N ASN B 67 -5.41 -30.61 25.55
CA ASN B 67 -5.60 -30.07 26.91
C ASN B 67 -6.68 -29.02 26.81
N PRO B 68 -7.12 -28.45 27.93
CA PRO B 68 -8.21 -27.47 27.80
C PRO B 68 -7.93 -26.33 26.86
N ARG B 69 -6.70 -25.82 26.80
CA ARG B 69 -6.44 -24.72 25.86
C ARG B 69 -6.50 -25.17 24.37
N SER B 70 -5.81 -26.24 24.03
CA SER B 70 -5.88 -26.75 22.64
C SER B 70 -7.26 -27.26 22.21
N SER B 71 -8.06 -27.77 23.15
CA SER B 71 -9.45 -28.15 22.89
C SER B 71 -10.33 -26.95 22.55
N ILE B 72 -10.24 -25.87 23.30
CA ILE B 72 -10.97 -24.63 22.92
C ILE B 72 -10.45 -24.00 21.60
N GLY B 73 -9.15 -24.07 21.42
CA GLY B 73 -8.51 -23.62 20.18
C GLY B 73 -9.00 -24.45 18.99
N TYR B 74 -9.17 -25.73 19.15
CA TYR B 74 -9.69 -26.61 18.10
C TYR B 74 -11.01 -26.06 17.54
N SER B 75 -11.96 -25.74 18.43
CA SER B 75 -13.23 -25.09 17.97
C SER B 75 -13.01 -23.82 17.22
N ILE B 76 -12.13 -22.94 17.71
CA ILE B 76 -11.96 -21.63 17.14
C ILE B 76 -11.28 -21.71 15.77
N VAL B 77 -10.24 -22.53 15.67
CA VAL B 77 -9.58 -22.69 14.37
C VAL B 77 -10.59 -23.24 13.33
N HIS B 78 -11.37 -24.25 13.69
CA HIS B 78 -12.29 -24.79 12.71
C HIS B 78 -13.34 -23.77 12.30
N ARG B 79 -13.92 -23.08 13.28
CA ARG B 79 -14.89 -22.00 12.94
C ARG B 79 -14.29 -20.97 12.01
N ASP B 80 -13.07 -20.50 12.32
CA ASP B 80 -12.38 -19.50 11.48
C ASP B 80 -12.18 -20.05 10.07
N MSE B 81 -11.72 -21.31 9.94
CA MSE B 81 -11.49 -21.89 8.61
C MSE B 81 -12.82 -22.03 7.87
O MSE B 81 -12.91 -21.87 6.62
CB MSE B 81 -10.84 -23.27 8.75
CG MSE B 81 -9.42 -23.23 9.21
SE MSE B 81 -8.28 -22.25 7.91
CE MSE B 81 -8.79 -23.18 6.23
N GLU B 82 -13.88 -22.32 8.60
CA GLU B 82 -15.19 -22.33 7.91
C GLU B 82 -15.58 -20.94 7.37
N ASN B 83 -15.35 -19.84 8.13
CA ASN B 83 -15.67 -18.50 7.61
C ASN B 83 -14.88 -18.27 6.33
N LEU B 84 -13.60 -18.63 6.30
CA LEU B 84 -12.82 -18.40 5.07
C LEU B 84 -13.38 -19.27 3.95
N ASP B 85 -13.62 -20.52 4.27
CA ASP B 85 -14.06 -21.42 3.22
C ASP B 85 -15.38 -20.92 2.58
N LEU B 86 -16.31 -20.41 3.38
CA LEU B 86 -17.53 -19.80 2.84
C LEU B 86 -17.28 -18.61 1.89
N MSE B 87 -16.22 -17.83 2.11
CA MSE B 87 -15.96 -16.78 1.14
C MSE B 87 -15.52 -17.39 -0.20
O MSE B 87 -15.86 -16.90 -1.31
CB MSE B 87 -14.87 -15.85 1.67
CG MSE B 87 -15.24 -15.18 3.01
SE MSE B 87 -13.59 -14.31 3.57
CE MSE B 87 -14.12 -13.90 5.31
N VAL B 88 -14.73 -18.46 -0.14
CA VAL B 88 -14.40 -19.17 -1.38
C VAL B 88 -15.65 -19.78 -2.02
N ILE B 89 -16.45 -20.49 -1.24
CA ILE B 89 -17.65 -21.14 -1.74
C ILE B 89 -18.56 -20.04 -2.38
N ASP B 90 -18.71 -18.88 -1.72
CA ASP B 90 -19.58 -17.82 -2.27
C ASP B 90 -19.08 -17.39 -3.66
N ALA B 91 -17.78 -17.18 -3.82
CA ALA B 91 -17.26 -16.80 -5.16
C ALA B 91 -17.58 -17.87 -6.21
N MSE B 92 -17.38 -19.11 -5.83
CA MSE B 92 -17.56 -20.26 -6.75
C MSE B 92 -19.04 -20.35 -7.20
O MSE B 92 -19.33 -20.55 -8.39
CB MSE B 92 -17.14 -21.55 -6.06
CG MSE B 92 -15.61 -21.66 -5.91
SE MSE B 92 -15.00 -23.35 -5.01
CE MSE B 92 -15.21 -24.70 -6.33
N ILE B 93 -19.96 -20.18 -6.27
CA ILE B 93 -21.39 -20.14 -6.58
C ILE B 93 -21.70 -18.96 -7.54
N GLU B 94 -21.05 -17.80 -7.32
CA GLU B 94 -21.30 -16.63 -8.13
C GLU B 94 -20.86 -16.88 -9.59
N MSE B 95 -19.83 -17.69 -9.78
CA MSE B 95 -19.38 -18.06 -11.12
C MSE B 95 -20.16 -19.23 -11.71
O MSE B 95 -19.86 -19.67 -12.83
CB MSE B 95 -17.88 -18.44 -11.14
CG MSE B 95 -16.95 -17.36 -10.88
SE MSE B 95 -17.25 -15.79 -11.96
CE MSE B 95 -17.19 -16.65 -13.68
N GLY B 96 -21.17 -19.72 -11.00
CA GLY B 96 -22.03 -20.81 -11.49
C GLY B 96 -21.39 -22.18 -11.36
N MSE B 97 -20.29 -22.27 -10.61
CA MSE B 97 -19.76 -23.57 -10.24
C MSE B 97 -20.72 -24.22 -9.27
O MSE B 97 -21.56 -23.54 -8.73
CB MSE B 97 -18.35 -23.45 -9.60
CG MSE B 97 -17.40 -22.64 -10.44
SE MSE B 97 -15.62 -22.68 -9.81
CE MSE B 97 -15.17 -24.49 -9.97
N ARG B 98 -20.58 -25.53 -9.07
CA ARG B 98 -21.39 -26.24 -8.08
C ARG B 98 -20.47 -26.77 -6.99
N PRO B 99 -19.96 -25.91 -6.10
CA PRO B 99 -19.05 -26.36 -5.04
C PRO B 99 -19.77 -27.00 -3.85
N ILE B 100 -19.05 -27.83 -3.11
CA ILE B 100 -19.62 -28.36 -1.85
C ILE B 100 -18.44 -28.60 -0.86
N SER B 101 -18.47 -27.97 0.31
CA SER B 101 -17.32 -28.12 1.22
C SER B 101 -17.41 -29.49 1.83
N VAL B 102 -16.26 -30.13 1.96
CA VAL B 102 -16.14 -31.44 2.65
C VAL B 102 -14.98 -31.35 3.66
N PRO B 103 -15.27 -30.91 4.90
CA PRO B 103 -14.14 -30.54 5.79
C PRO B 103 -13.41 -31.81 6.30
N ILE B 104 -12.09 -31.81 6.36
CA ILE B 104 -11.29 -32.94 6.96
C ILE B 104 -11.79 -33.32 8.40
N SER B 105 -12.18 -32.30 9.16
CA SER B 105 -12.64 -32.52 10.56
C SER B 105 -13.92 -33.29 10.65
N ALA B 106 -14.70 -33.39 9.56
CA ALA B 106 -15.94 -34.10 9.60
C ALA B 106 -15.77 -35.54 9.08
N LEU B 107 -14.58 -35.93 8.60
CA LEU B 107 -14.37 -37.31 8.09
C LEU B 107 -13.87 -38.30 9.21
N ARG B 108 -14.10 -39.61 9.02
CA ARG B 108 -13.53 -40.57 9.96
C ARG B 108 -12.04 -40.53 9.73
N TYR B 109 -11.25 -40.77 10.78
CA TYR B 109 -9.79 -40.85 10.62
C TYR B 109 -9.25 -42.08 11.39
N ASP B 110 -8.37 -42.86 10.77
CA ASP B 110 -7.81 -44.04 11.42
C ASP B 110 -6.36 -44.11 11.03
N GLY B 111 -5.75 -42.94 10.78
CA GLY B 111 -4.46 -42.88 10.08
C GLY B 111 -4.53 -42.44 8.62
N ARG B 112 -5.64 -42.76 7.94
CA ARG B 112 -6.04 -42.10 6.72
C ARG B 112 -7.42 -41.53 6.99
N PHE B 113 -7.81 -40.53 6.22
CA PHE B 113 -9.19 -40.07 6.24
C PHE B 113 -10.04 -40.87 5.32
N ASP B 114 -11.30 -41.01 5.67
CA ASP B 114 -12.34 -41.59 4.79
C ASP B 114 -12.94 -40.47 3.89
N TYR B 115 -12.39 -40.37 2.68
CA TYR B 115 -12.79 -39.38 1.71
C TYR B 115 -13.98 -39.88 0.89
N THR B 116 -14.66 -40.93 1.33
CA THR B 116 -15.73 -41.51 0.51
C THR B 116 -16.74 -40.41 0.13
N PRO B 117 -17.09 -39.49 1.09
CA PRO B 117 -18.06 -38.45 0.72
C PRO B 117 -17.55 -37.57 -0.42
N LEU B 118 -16.28 -37.22 -0.38
CA LEU B 118 -15.74 -36.34 -1.41
C LEU B 118 -15.75 -37.05 -2.79
N ILE B 119 -15.46 -38.35 -2.85
CA ILE B 119 -15.51 -39.09 -4.09
C ILE B 119 -16.96 -39.18 -4.62
N ARG B 120 -17.95 -39.33 -3.75
CA ARG B 120 -19.35 -39.38 -4.17
C ARG B 120 -19.72 -38.06 -4.81
N TYR B 121 -19.21 -36.96 -4.26
CA TYR B 121 -19.48 -35.64 -4.83
C TYR B 121 -18.88 -35.47 -6.21
N ILE B 122 -17.64 -35.87 -6.39
CA ILE B 122 -17.03 -35.90 -7.71
C ILE B 122 -17.89 -36.75 -8.69
N ASP B 123 -18.18 -38.01 -8.33
CA ASP B 123 -19.09 -38.87 -9.14
C ASP B 123 -20.39 -38.15 -9.50
N ALA B 124 -20.91 -37.39 -8.58
CA ALA B 124 -22.16 -36.66 -8.82
C ALA B 124 -21.99 -35.38 -9.63
N GLY B 125 -20.80 -34.93 -9.89
CA GLY B 125 -20.67 -33.78 -10.75
C GLY B 125 -20.48 -32.47 -9.96
N PHE B 126 -20.28 -32.57 -8.66
CA PHE B 126 -19.92 -31.37 -7.92
C PHE B 126 -18.39 -31.20 -7.94
N VAL B 127 -17.95 -30.01 -7.56
CA VAL B 127 -16.54 -29.77 -7.23
C VAL B 127 -16.41 -29.67 -5.71
N PRO B 128 -15.93 -30.73 -5.06
CA PRO B 128 -15.72 -30.64 -3.59
C PRO B 128 -14.57 -29.70 -3.27
N VAL B 129 -14.74 -28.98 -2.16
CA VAL B 129 -13.77 -28.03 -1.66
C VAL B 129 -13.39 -28.46 -0.25
N SER B 130 -12.10 -28.57 0.01
CA SER B 130 -11.66 -28.94 1.38
C SER B 130 -10.54 -28.01 1.78
N TYR B 131 -10.03 -28.10 3.02
CA TYR B 131 -9.09 -27.05 3.40
C TYR B 131 -8.34 -27.51 4.55
N GLY B 132 -7.20 -26.86 4.78
CA GLY B 132 -6.34 -27.19 5.91
C GLY B 132 -7.21 -27.04 7.14
N ASP B 133 -7.10 -28.02 8.06
CA ASP B 133 -8.07 -28.12 9.16
C ASP B 133 -7.54 -28.91 10.35
N VAL B 134 -8.17 -28.75 11.52
CA VAL B 134 -7.80 -29.53 12.69
C VAL B 134 -8.40 -30.91 12.56
N TYR B 135 -7.81 -31.91 13.25
CA TYR B 135 -8.48 -33.21 13.38
C TYR B 135 -8.00 -33.89 14.65
N ILE B 136 -8.72 -34.89 15.13
CA ILE B 136 -8.30 -35.67 16.26
C ILE B 136 -7.33 -36.77 15.74
N LYS B 137 -6.07 -36.62 16.09
CA LYS B 137 -5.03 -37.50 15.53
C LYS B 137 -4.97 -38.77 16.35
N ASP B 138 -5.14 -38.64 17.65
CA ASP B 138 -5.30 -39.80 18.52
C ASP B 138 -5.88 -39.37 19.82
N GLU B 139 -6.02 -40.33 20.72
CA GLU B 139 -6.66 -40.07 22.02
C GLU B 139 -6.18 -38.79 22.76
N HIS B 140 -4.90 -38.48 22.67
CA HIS B 140 -4.33 -37.41 23.47
C HIS B 140 -3.72 -36.32 22.64
N SER B 141 -4.04 -36.23 21.34
CA SER B 141 -3.37 -35.22 20.51
C SER B 141 -4.23 -34.74 19.33
N TYR B 142 -4.04 -33.47 18.94
CA TYR B 142 -4.80 -32.87 17.88
C TYR B 142 -3.82 -32.56 16.82
N GLY B 143 -4.21 -32.73 15.58
CA GLY B 143 -3.30 -32.48 14.49
C GLY B 143 -3.86 -31.38 13.63
N ILE B 144 -3.05 -30.88 12.69
CA ILE B 144 -3.55 -29.96 11.69
C ILE B 144 -3.13 -30.60 10.39
N TYR B 145 -4.11 -30.89 9.56
CA TYR B 145 -3.79 -31.46 8.27
C TYR B 145 -3.80 -30.30 7.28
N SER B 146 -2.64 -29.98 6.73
CA SER B 146 -2.55 -28.79 5.85
C SER B 146 -3.17 -29.06 4.50
N GLY B 147 -3.36 -27.99 3.77
CA GLY B 147 -3.86 -28.07 2.41
C GLY B 147 -2.91 -28.91 1.57
N ASP B 148 -1.59 -28.78 1.78
CA ASP B 148 -0.61 -29.61 1.06
C ASP B 148 -0.82 -31.13 1.34
N ASP B 149 -1.08 -31.49 2.60
CA ASP B 149 -1.30 -32.90 2.95
C ASP B 149 -2.57 -33.43 2.19
N ILE B 150 -3.66 -32.66 2.23
CA ILE B 150 -4.90 -33.06 1.49
C ILE B 150 -4.61 -33.26 -0.01
N MSE B 151 -3.95 -32.28 -0.64
CA MSE B 151 -3.51 -32.41 -2.02
C MSE B 151 -2.73 -33.73 -2.23
O MSE B 151 -2.96 -34.43 -3.20
CB MSE B 151 -2.62 -31.23 -2.42
CG MSE B 151 -3.39 -29.91 -2.65
SE MSE B 151 -4.50 -30.02 -4.26
CE MSE B 151 -3.05 -29.62 -5.56
N ALA B 152 -1.81 -34.04 -1.33
CA ALA B 152 -0.97 -35.22 -1.50
C ALA B 152 -1.89 -36.43 -1.49
N ASP B 153 -2.91 -36.39 -0.65
CA ASP B 153 -3.82 -37.52 -0.55
C ASP B 153 -4.66 -37.60 -1.82
N MSE B 154 -5.13 -36.46 -2.30
CA MSE B 154 -5.97 -36.38 -3.50
C MSE B 154 -5.17 -36.85 -4.74
O MSE B 154 -5.73 -37.59 -5.60
CB MSE B 154 -6.47 -34.95 -3.77
CG MSE B 154 -7.47 -34.44 -2.77
SE MSE B 154 -8.95 -35.63 -2.69
CE MSE B 154 -8.45 -36.80 -1.14
N ALA B 155 -3.90 -36.46 -4.83
CA ALA B 155 -3.06 -36.97 -5.94
C ALA B 155 -3.04 -38.50 -5.90
N GLU B 156 -2.78 -39.07 -4.72
CA GLU B 156 -2.64 -40.54 -4.64
C GLU B 156 -3.96 -41.32 -4.89
N LEU B 157 -5.08 -40.70 -4.55
CA LEU B 157 -6.37 -41.34 -4.58
C LEU B 157 -6.98 -41.28 -5.99
N LEU B 158 -6.83 -40.13 -6.68
CA LEU B 158 -7.46 -39.84 -7.94
C LEU B 158 -6.50 -40.08 -9.09
N LYS B 159 -5.21 -40.08 -8.81
CA LYS B 159 -4.19 -40.08 -9.92
C LYS B 159 -4.51 -39.05 -11.03
N PRO B 160 -4.54 -37.75 -10.69
CA PRO B 160 -4.94 -36.78 -11.70
C PRO B 160 -3.83 -36.59 -12.73
N ASP B 161 -4.12 -35.87 -13.82
CA ASP B 161 -3.13 -35.60 -14.85
C ASP B 161 -2.21 -34.41 -14.48
N VAL B 162 -2.76 -33.46 -13.74
CA VAL B 162 -2.05 -32.21 -13.40
C VAL B 162 -2.39 -31.85 -11.93
N ALA B 163 -1.46 -31.27 -11.16
CA ALA B 163 -1.81 -30.74 -9.85
C ALA B 163 -1.19 -29.37 -9.77
N VAL B 164 -1.92 -28.37 -9.29
CA VAL B 164 -1.44 -27.02 -9.34
C VAL B 164 -1.57 -26.41 -7.95
N PHE B 165 -0.55 -25.71 -7.48
CA PHE B 165 -0.56 -25.03 -6.20
C PHE B 165 -0.47 -23.55 -6.53
N LEU B 166 -1.32 -22.74 -5.94
CA LEU B 166 -1.28 -21.27 -6.13
C LEU B 166 -0.74 -20.66 -4.85
N THR B 167 0.24 -19.76 -4.97
CA THR B 167 0.92 -19.22 -3.79
C THR B 167 1.09 -17.74 -4.07
N ASP B 168 1.64 -16.96 -3.15
CA ASP B 168 1.72 -15.52 -3.42
C ASP B 168 3.05 -15.10 -4.09
N VAL B 169 3.83 -16.06 -4.56
CA VAL B 169 5.00 -15.76 -5.35
C VAL B 169 4.95 -16.52 -6.72
N ASP B 170 5.86 -16.15 -7.61
CA ASP B 170 5.95 -16.73 -8.94
C ASP B 170 6.19 -18.26 -8.96
N GLY B 171 6.94 -18.80 -7.99
CA GLY B 171 7.18 -20.23 -7.93
C GLY B 171 8.26 -20.48 -6.86
N ILE B 172 9.01 -21.58 -6.99
CA ILE B 172 10.13 -21.82 -6.12
C ILE B 172 11.32 -20.97 -6.58
N TYR B 173 11.88 -20.24 -5.61
CA TYR B 173 13.04 -19.42 -5.87
C TYR B 173 14.25 -20.06 -5.18
N SER B 174 15.45 -19.63 -5.57
CA SER B 174 16.67 -20.15 -5.03
C SER B 174 16.70 -19.79 -3.54
N LYS B 175 16.02 -18.71 -3.15
CA LYS B 175 15.89 -18.33 -1.75
C LYS B 175 14.67 -17.46 -1.64
N ASP B 176 14.17 -17.25 -0.43
CA ASP B 176 12.94 -16.48 -0.22
C ASP B 176 13.06 -15.16 -1.00
N PRO B 177 12.25 -14.99 -2.06
CA PRO B 177 12.25 -13.78 -2.87
C PRO B 177 11.78 -12.58 -2.13
N LYS B 178 11.08 -12.73 -1.02
CA LYS B 178 10.60 -11.54 -0.31
C LYS B 178 11.74 -10.89 0.50
N ARG B 179 12.73 -11.71 0.88
CA ARG B 179 13.87 -11.26 1.71
C ARG B 179 15.21 -11.12 0.95
N ASN B 180 15.24 -11.61 -0.29
CA ASN B 180 16.47 -11.65 -1.08
C ASN B 180 16.17 -11.19 -2.52
N PRO B 181 16.55 -9.93 -2.85
CA PRO B 181 16.17 -9.54 -4.23
C PRO B 181 17.14 -10.21 -5.22
N ASP B 182 18.13 -10.93 -4.71
CA ASP B 182 19.05 -11.67 -5.54
C ASP B 182 18.52 -13.09 -5.89
N ALA B 183 17.33 -13.44 -5.40
CA ALA B 183 16.84 -14.79 -5.55
C ALA B 183 16.27 -15.00 -6.98
N VAL B 184 16.42 -16.21 -7.54
CA VAL B 184 15.91 -16.48 -8.89
C VAL B 184 14.88 -17.61 -8.92
N LEU B 185 13.94 -17.47 -9.83
CA LEU B 185 12.87 -18.45 -9.95
C LEU B 185 13.46 -19.69 -10.61
N LEU B 186 13.24 -20.85 -10.00
CA LEU B 186 13.63 -22.11 -10.60
C LEU B 186 12.45 -22.66 -11.39
N ARG B 187 12.52 -22.54 -12.70
CA ARG B 187 11.37 -22.80 -13.58
C ARG B 187 11.07 -24.31 -13.74
N ASP B 188 12.03 -25.16 -13.37
CA ASP B 188 11.92 -26.59 -13.69
C ASP B 188 12.77 -27.49 -12.84
N ILE B 189 12.07 -28.31 -12.06
CA ILE B 189 12.71 -29.16 -11.10
C ILE B 189 12.49 -30.61 -11.49
N ASP B 190 13.51 -31.23 -12.07
CA ASP B 190 13.43 -32.64 -12.40
C ASP B 190 13.46 -33.57 -11.17
N THR B 191 12.33 -34.26 -10.93
CA THR B 191 12.23 -35.28 -9.89
C THR B 191 12.92 -36.59 -10.36
N ASN B 192 14.16 -36.84 -9.91
CA ASN B 192 14.87 -38.08 -10.28
C ASN B 192 15.92 -38.57 -9.27
N GLY B 205 5.64 -22.39 5.00
CA GLY B 205 5.93 -23.82 4.99
C GLY B 205 6.33 -24.34 3.59
N ILE B 206 7.19 -23.61 2.88
CA ILE B 206 7.53 -23.98 1.52
C ILE B 206 8.45 -25.21 1.44
N GLY B 207 9.35 -25.36 2.42
CA GLY B 207 10.20 -26.55 2.49
C GLY B 207 9.35 -27.81 2.53
N LYS B 208 8.33 -27.81 3.38
CA LYS B 208 7.40 -28.91 3.45
C LYS B 208 6.47 -29.01 2.21
N LYS B 209 6.16 -27.87 1.56
CA LYS B 209 5.29 -27.89 0.37
C LYS B 209 6.09 -28.59 -0.73
N PHE B 210 7.36 -28.21 -0.86
CA PHE B 210 8.25 -28.87 -1.78
C PHE B 210 8.35 -30.36 -1.53
N GLU B 211 8.48 -30.81 -0.29
CA GLU B 211 8.47 -32.27 -0.01
C GLU B 211 7.22 -32.91 -0.61
N SER B 212 6.04 -32.36 -0.28
CA SER B 212 4.76 -32.93 -0.72
C SER B 212 4.69 -32.93 -2.24
N MSE B 213 5.17 -31.86 -2.89
CA MSE B 213 5.04 -31.79 -4.34
C MSE B 213 5.90 -32.84 -4.98
O MSE B 213 5.49 -33.40 -5.99
CB MSE B 213 5.42 -30.44 -4.89
CG MSE B 213 4.42 -29.41 -4.54
SE MSE B 213 5.05 -27.68 -5.17
CE MSE B 213 4.63 -27.77 -7.15
N VAL B 214 7.07 -33.13 -4.38
CA VAL B 214 7.96 -34.13 -4.97
C VAL B 214 7.39 -35.54 -4.78
N LYS B 215 6.79 -35.82 -3.63
CA LYS B 215 6.18 -37.11 -3.42
C LYS B 215 4.97 -37.34 -4.33
N MSE B 216 4.25 -36.27 -4.64
CA MSE B 216 3.02 -36.36 -5.44
C MSE B 216 3.30 -36.73 -6.86
O MSE B 216 2.48 -37.33 -7.49
CB MSE B 216 2.27 -35.02 -5.47
CG MSE B 216 1.39 -34.86 -4.31
SE MSE B 216 1.03 -32.99 -4.14
CE MSE B 216 -0.19 -32.85 -5.59
N LYS B 217 4.45 -36.29 -7.38
CA LYS B 217 4.68 -36.38 -8.80
C LYS B 217 4.63 -37.85 -9.28
N SER B 218 4.93 -38.80 -8.41
CA SER B 218 4.77 -40.20 -8.75
C SER B 218 3.28 -40.59 -9.00
N SER B 219 2.32 -39.72 -8.63
CA SER B 219 0.90 -40.00 -8.83
C SER B 219 0.21 -39.11 -9.86
N VAL B 220 0.93 -38.07 -10.29
CA VAL B 220 0.42 -37.04 -11.17
C VAL B 220 1.10 -37.09 -12.58
N LYS B 221 0.44 -37.72 -13.54
CA LYS B 221 1.12 -38.10 -14.77
C LYS B 221 1.92 -36.98 -15.44
N ASN B 222 1.40 -35.77 -15.47
CA ASN B 222 1.92 -34.70 -16.29
C ASN B 222 2.40 -33.49 -15.53
N GLY B 223 2.67 -33.62 -14.24
CA GLY B 223 3.43 -32.61 -13.52
C GLY B 223 2.65 -31.89 -12.45
N VAL B 224 3.39 -31.35 -11.48
CA VAL B 224 2.86 -30.61 -10.33
C VAL B 224 3.42 -29.20 -10.39
N TYR B 225 2.58 -28.19 -10.51
CA TYR B 225 2.96 -26.82 -10.85
C TYR B 225 2.77 -25.93 -9.63
N LEU B 226 3.64 -24.95 -9.48
CA LEU B 226 3.51 -23.92 -8.48
C LEU B 226 3.45 -22.62 -9.28
N ILE B 227 2.36 -21.88 -9.11
CA ILE B 227 2.07 -20.71 -9.93
C ILE B 227 1.67 -19.56 -9.01
N ASN B 228 1.87 -18.32 -9.41
CA ASN B 228 1.52 -17.17 -8.58
C ASN B 228 0.00 -16.99 -8.64
N GLY B 229 -0.71 -17.13 -7.52
CA GLY B 229 -2.14 -16.93 -7.43
C GLY B 229 -2.57 -15.53 -7.75
N ASN B 230 -1.66 -14.57 -7.78
CA ASN B 230 -2.05 -13.22 -8.19
C ASN B 230 -2.22 -13.11 -9.68
N HIS B 231 -1.71 -14.11 -10.39
CA HIS B 231 -1.81 -14.20 -11.85
C HIS B 231 -2.38 -15.57 -12.26
N PRO B 232 -3.58 -15.87 -11.76
CA PRO B 232 -4.26 -17.14 -12.03
C PRO B 232 -4.30 -17.52 -13.52
N GLU B 233 -4.26 -16.55 -14.42
CA GLU B 233 -4.32 -16.91 -15.85
C GLU B 233 -3.08 -17.70 -16.35
N ARG B 234 -2.01 -17.74 -15.54
CA ARG B 234 -0.82 -18.49 -15.89
C ARG B 234 -1.14 -19.93 -15.90
N ILE B 235 -2.22 -20.31 -15.23
CA ILE B 235 -2.59 -21.74 -15.22
C ILE B 235 -2.82 -22.22 -16.67
N GLY B 236 -3.47 -21.37 -17.47
CA GLY B 236 -3.72 -21.69 -18.87
C GLY B 236 -2.47 -21.74 -19.76
N ASP B 237 -1.32 -21.28 -19.25
CA ASP B 237 -0.06 -21.28 -20.01
C ASP B 237 0.73 -22.55 -19.77
N ILE B 238 0.21 -23.48 -18.98
CA ILE B 238 0.92 -24.75 -18.74
C ILE B 238 1.21 -25.46 -20.08
N GLY B 239 2.47 -25.81 -20.32
CA GLY B 239 2.87 -26.52 -21.52
C GLY B 239 3.24 -25.59 -22.67
N LYS B 240 3.14 -24.28 -22.41
CA LYS B 240 3.51 -23.28 -23.40
C LYS B 240 4.90 -22.78 -23.05
N GLU B 241 5.60 -22.26 -24.05
CA GLU B 241 6.86 -21.58 -23.81
C GLU B 241 6.64 -20.41 -22.84
N SER B 242 5.42 -19.88 -22.89
CA SER B 242 5.12 -18.66 -22.20
C SER B 242 4.96 -18.86 -20.67
N PHE B 243 4.99 -20.11 -20.24
CA PHE B 243 4.60 -20.41 -18.87
C PHE B 243 5.57 -19.87 -17.84
N ILE B 244 5.03 -19.11 -16.87
CA ILE B 244 5.80 -18.62 -15.72
C ILE B 244 5.42 -19.33 -14.41
N GLY B 245 6.36 -20.09 -13.86
CA GLY B 245 6.16 -20.74 -12.59
C GLY B 245 7.12 -21.89 -12.47
N THR B 246 6.86 -22.84 -11.60
CA THR B 246 7.78 -23.95 -11.39
C THR B 246 7.09 -25.26 -11.67
N VAL B 247 7.68 -26.11 -12.50
CA VAL B 247 7.18 -27.46 -12.73
C VAL B 247 8.06 -28.42 -11.99
N ILE B 248 7.45 -29.34 -11.27
CA ILE B 248 8.12 -30.48 -10.68
C ILE B 248 7.65 -31.68 -11.51
N ARG B 249 8.56 -32.30 -12.26
CA ARG B 249 8.15 -33.47 -13.06
C ARG B 249 9.20 -34.58 -13.06
N ASP C 1 23.71 56.85 -25.28
CA ASP C 1 23.68 55.42 -25.78
C ASP C 1 22.89 54.44 -24.87
N PRO C 2 21.65 54.13 -25.27
CA PRO C 2 20.82 53.25 -24.42
C PRO C 2 21.12 51.76 -24.56
N PHE C 3 22.07 51.40 -25.43
CA PHE C 3 22.37 49.99 -25.78
C PHE C 3 23.65 49.37 -25.10
N THR C 4 24.35 50.21 -24.36
CA THR C 4 25.43 49.83 -23.47
C THR C 4 25.16 48.50 -22.69
N MSE C 5 26.10 47.54 -22.80
CA MSE C 5 26.04 46.29 -22.05
C MSE C 5 26.37 46.56 -20.59
O MSE C 5 27.43 47.10 -20.27
CB MSE C 5 27.03 45.24 -22.62
CG MSE C 5 27.03 43.94 -21.78
SE MSE C 5 28.40 42.56 -22.28
CE MSE C 5 27.53 42.32 -24.01
N MSE C 6 25.45 46.17 -19.72
CA MSE C 6 25.52 46.47 -18.32
C MSE C 6 25.46 45.18 -17.50
O MSE C 6 24.71 44.27 -17.84
CB MSE C 6 24.30 47.32 -17.92
CG MSE C 6 24.35 47.65 -16.50
SE MSE C 6 22.72 48.49 -15.92
CE MSE C 6 23.03 50.23 -16.77
N ILE C 7 26.30 45.06 -16.49
CA ILE C 7 26.07 44.11 -15.42
C ILE C 7 25.73 44.93 -14.20
N LEU C 8 24.96 44.37 -13.29
CA LEU C 8 24.47 45.18 -12.16
C LEU C 8 24.35 44.35 -10.92
N LYS C 9 24.67 44.92 -9.80
CA LYS C 9 24.57 44.21 -8.54
C LYS C 9 23.55 44.98 -7.70
N ILE C 10 22.58 44.26 -7.16
CA ILE C 10 21.62 44.87 -6.26
C ILE C 10 22.16 44.56 -4.84
N GLY C 11 22.60 45.58 -4.10
CA GLY C 11 23.26 45.41 -2.81
C GLY C 11 22.30 44.90 -1.75
N GLY C 12 22.72 43.95 -0.94
CA GLY C 12 21.94 43.58 0.23
C GLY C 12 21.59 44.82 1.07
N SER C 13 22.37 45.90 0.97
CA SER C 13 22.09 47.06 1.83
C SER C 13 20.79 47.71 1.44
N VAL C 14 20.28 47.39 0.26
CA VAL C 14 19.06 48.08 -0.17
C VAL C 14 17.84 47.16 -0.28
N ILE C 15 18.02 45.83 -0.40
CA ILE C 15 16.89 44.94 -0.49
C ILE C 15 16.76 44.08 0.78
N THR C 16 17.61 44.30 1.80
CA THR C 16 17.33 43.68 3.12
C THR C 16 17.42 44.72 4.24
N ASP C 17 16.92 44.31 5.41
CA ASP C 17 16.83 45.07 6.67
C ASP C 17 17.42 44.29 7.83
N LYS C 18 17.63 44.96 8.97
CA LYS C 18 17.88 44.24 10.23
C LYS C 18 16.57 43.78 10.96
N SER C 19 15.40 44.17 10.48
CA SER C 19 14.13 43.85 11.15
C SER C 19 13.95 42.34 11.47
N ALA C 20 13.31 42.03 12.60
CA ALA C 20 13.06 40.63 12.97
C ALA C 20 11.76 40.15 12.36
N TYR C 21 11.02 41.05 11.70
CA TYR C 21 9.63 40.81 11.29
C TYR C 21 9.49 40.47 9.80
N ARG C 22 10.47 40.88 9.02
CA ARG C 22 10.41 40.52 7.64
C ARG C 22 11.82 40.32 7.16
N THR C 23 11.95 39.74 6.00
CA THR C 23 13.30 39.48 5.58
C THR C 23 13.66 40.61 4.59
N ALA C 24 12.86 40.70 3.53
CA ALA C 24 13.21 41.49 2.39
C ALA C 24 12.36 42.77 2.22
N ARG C 25 13.02 43.75 1.61
CA ARG C 25 12.38 45.01 1.21
C ARG C 25 11.73 44.80 -0.13
N THR C 26 10.53 44.24 -0.07
CA THR C 26 9.79 44.00 -1.25
C THR C 26 9.53 45.24 -2.09
N TYR C 27 9.23 46.40 -1.46
CA TYR C 27 9.00 47.57 -2.38
C TYR C 27 10.29 47.98 -3.17
N ALA C 28 11.41 47.96 -2.48
CA ALA C 28 12.70 48.25 -3.08
C ALA C 28 13.07 47.26 -4.21
N ILE C 29 12.86 45.99 -3.97
CA ILE C 29 13.05 44.99 -5.06
C ILE C 29 12.19 45.31 -6.29
N ARG C 30 10.89 45.53 -6.08
CA ARG C 30 10.06 45.85 -7.21
C ARG C 30 10.43 47.15 -7.94
N SER C 31 10.60 48.28 -7.26
CA SER C 31 10.93 49.48 -8.04
C SER C 31 12.26 49.37 -8.74
N ILE C 32 13.26 48.68 -8.15
CA ILE C 32 14.53 48.48 -8.88
C ILE C 32 14.24 47.63 -10.12
N VAL C 33 13.61 46.45 -9.93
CA VAL C 33 13.35 45.56 -11.05
C VAL C 33 12.54 46.26 -12.17
N LYS C 34 11.51 47.00 -11.80
CA LYS C 34 10.84 47.91 -12.76
C LYS C 34 11.80 48.74 -13.59
N VAL C 35 12.78 49.41 -12.98
CA VAL C 35 13.78 50.16 -13.76
C VAL C 35 14.60 49.16 -14.59
N LEU C 36 15.01 48.03 -14.00
CA LEU C 36 15.87 47.10 -14.76
C LEU C 36 15.20 46.61 -16.03
N SER C 37 13.88 46.42 -15.99
CA SER C 37 13.15 45.79 -17.11
C SER C 37 13.20 46.72 -18.34
N GLY C 38 13.61 47.95 -18.12
CA GLY C 38 13.67 48.91 -19.24
C GLY C 38 15.08 49.12 -19.77
N ILE C 39 16.06 48.43 -19.19
CA ILE C 39 17.43 48.61 -19.64
C ILE C 39 17.68 47.68 -20.82
N GLU C 40 18.17 48.21 -21.92
CA GLU C 40 18.12 47.43 -23.19
C GLU C 40 19.04 46.24 -23.12
N ASP C 41 20.25 46.43 -22.58
CA ASP C 41 21.23 45.36 -22.63
C ASP C 41 21.83 45.07 -21.23
N LEU C 42 20.94 44.89 -20.26
CA LEU C 42 21.29 44.34 -18.94
C LEU C 42 21.51 42.83 -19.15
N VAL C 43 22.75 42.35 -19.02
CA VAL C 43 22.99 40.95 -19.36
C VAL C 43 23.17 40.04 -18.14
N CYS C 44 23.42 40.60 -16.94
CA CYS C 44 23.60 39.77 -15.75
C CYS C 44 23.20 40.61 -14.54
N VAL C 45 22.38 40.06 -13.65
CA VAL C 45 22.05 40.75 -12.36
C VAL C 45 22.62 39.89 -11.23
N VAL C 46 23.30 40.49 -10.25
CA VAL C 46 23.80 39.74 -9.11
C VAL C 46 23.20 40.45 -7.90
N HIS C 47 22.89 39.73 -6.83
CA HIS C 47 22.49 40.46 -5.62
C HIS C 47 23.25 39.96 -4.38
N GLY C 48 23.26 40.77 -3.33
CA GLY C 48 24.04 40.53 -2.08
C GLY C 48 23.05 39.99 -1.04
N GLY C 49 23.49 39.74 0.20
CA GLY C 49 22.60 39.21 1.22
C GLY C 49 22.46 40.08 2.47
N GLY C 50 23.24 41.15 2.56
CA GLY C 50 23.03 42.14 3.61
C GLY C 50 23.56 41.73 4.98
N SER C 51 23.51 42.68 5.90
CA SER C 51 23.90 42.33 7.23
C SER C 51 22.71 41.97 8.10
N PHE C 52 22.18 40.80 7.92
CA PHE C 52 22.28 39.83 9.00
C PHE C 52 22.38 38.49 8.35
N GLY C 53 22.29 38.49 7.01
CA GLY C 53 22.80 37.39 6.20
C GLY C 53 24.28 37.23 6.49
N HIS C 54 25.03 38.32 6.55
CA HIS C 54 26.46 38.24 6.94
C HIS C 54 26.62 37.74 8.37
N ILE C 55 25.92 38.36 9.30
CA ILE C 55 26.05 37.93 10.69
C ILE C 55 25.62 36.47 10.85
N LYS C 56 24.50 36.09 10.26
CA LYS C 56 24.03 34.71 10.41
C LYS C 56 25.07 33.70 9.83
N ALA C 57 25.67 34.01 8.69
CA ALA C 57 26.76 33.14 8.21
C ALA C 57 27.90 33.09 9.23
N MSE C 58 28.34 34.25 9.67
CA MSE C 58 29.46 34.31 10.60
C MSE C 58 29.14 33.51 11.87
O MSE C 58 30.01 32.88 12.41
CB MSE C 58 29.77 35.76 10.99
CG MSE C 58 31.25 36.06 11.08
SE MSE C 58 32.07 35.76 9.29
CE MSE C 58 33.61 36.98 9.42
N GLU C 59 27.91 33.54 12.34
CA GLU C 59 27.56 32.81 13.56
C GLU C 59 27.53 31.25 13.34
N PHE C 60 27.38 30.80 12.08
CA PHE C 60 27.66 29.37 11.74
C PHE C 60 29.14 29.04 11.47
N GLY C 61 30.04 30.02 11.52
CA GLY C 61 31.43 29.77 11.16
C GLY C 61 31.67 29.66 9.64
N LEU C 62 30.92 30.46 8.89
CA LEU C 62 31.06 30.53 7.44
C LEU C 62 31.50 31.98 7.05
N PRO C 63 32.55 32.11 6.25
CA PRO C 63 33.28 30.96 5.73
C PRO C 63 34.23 30.39 6.80
N GLY C 64 34.68 29.15 6.65
CA GLY C 64 35.54 28.54 7.66
C GLY C 64 35.62 27.04 7.62
N PRO C 65 36.32 26.45 8.57
CA PRO C 65 36.49 24.99 8.56
C PRO C 65 35.17 24.23 8.56
N LYS C 66 35.19 23.03 8.00
CA LYS C 66 34.05 22.15 8.05
C LYS C 66 33.89 21.57 9.48
N ASN C 67 32.75 21.80 10.07
CA ASN C 67 32.37 21.05 11.29
C ASN C 67 30.84 20.91 11.30
N PRO C 68 30.25 20.25 12.31
CA PRO C 68 28.79 20.06 12.19
C PRO C 68 28.02 21.35 12.10
N ARG C 69 28.35 22.32 12.93
CA ARG C 69 27.63 23.59 12.91
C ARG C 69 27.82 24.31 11.60
N SER C 70 29.06 24.41 11.08
CA SER C 70 29.21 25.01 9.74
C SER C 70 28.51 24.22 8.61
N SER C 71 28.44 22.90 8.71
CA SER C 71 27.82 22.09 7.66
C SER C 71 26.28 22.30 7.70
N ILE C 72 25.67 22.30 8.90
CA ILE C 72 24.22 22.63 9.03
C ILE C 72 23.99 24.03 8.51
N GLY C 73 24.90 24.92 8.85
CA GLY C 73 24.79 26.35 8.52
C GLY C 73 24.86 26.54 6.98
N TYR C 74 25.68 25.70 6.34
CA TYR C 74 25.83 25.75 4.85
C TYR C 74 24.45 25.57 4.23
N SER C 75 23.73 24.54 4.65
CA SER C 75 22.38 24.29 4.09
C SER C 75 21.38 25.44 4.37
N ILE C 76 21.44 26.02 5.58
CA ILE C 76 20.52 27.07 5.96
C ILE C 76 20.84 28.37 5.23
N VAL C 77 22.11 28.75 5.22
CA VAL C 77 22.53 29.99 4.54
C VAL C 77 22.13 29.90 3.08
N HIS C 78 22.40 28.78 2.43
CA HIS C 78 22.08 28.70 1.01
C HIS C 78 20.56 28.81 0.80
N ARG C 79 19.78 28.10 1.60
CA ARG C 79 18.30 28.15 1.55
C ARG C 79 17.81 29.61 1.74
N ASP C 80 18.41 30.35 2.67
CA ASP C 80 17.93 31.73 2.93
C ASP C 80 18.25 32.64 1.74
N MSE C 81 19.46 32.49 1.18
CA MSE C 81 19.86 33.26 -0.03
C MSE C 81 18.94 32.90 -1.20
O MSE C 81 18.53 33.77 -1.98
CB MSE C 81 21.30 32.98 -0.43
CG MSE C 81 22.33 33.60 0.50
SE MSE C 81 21.95 35.45 0.78
CE MSE C 81 21.80 36.04 -1.12
N GLU C 82 18.59 31.64 -1.35
CA GLU C 82 17.67 31.22 -2.45
C GLU C 82 16.31 31.84 -2.28
N ASN C 83 15.82 31.86 -1.04
CA ASN C 83 14.55 32.52 -0.79
C ASN C 83 14.54 34.00 -1.10
N LEU C 84 15.60 34.69 -0.72
CA LEU C 84 15.74 36.11 -1.07
C LEU C 84 15.70 36.24 -2.61
N ASP C 85 16.40 35.32 -3.28
CA ASP C 85 16.62 35.42 -4.70
C ASP C 85 15.34 35.12 -5.42
N LEU C 86 14.54 34.22 -4.89
CA LEU C 86 13.24 34.00 -5.53
C LEU C 86 12.35 35.26 -5.52
N MSE C 87 12.52 36.17 -4.56
CA MSE C 87 11.71 37.40 -4.59
CA MSE C 87 11.75 37.42 -4.55
C MSE C 87 12.16 38.32 -5.71
O MSE C 87 11.34 38.96 -6.36
CB MSE C 87 11.82 38.18 -3.30
CB MSE C 87 12.03 38.16 -3.25
CG MSE C 87 10.97 37.61 -2.19
CG MSE C 87 11.75 37.31 -2.02
SE MSE C 87 11.80 38.03 -0.51
SE MSE C 87 9.87 36.84 -1.89
CE MSE C 87 10.46 37.16 0.67
CE MSE C 87 9.10 38.57 -2.41
N VAL C 88 13.47 38.38 -5.95
CA VAL C 88 13.94 39.15 -7.08
C VAL C 88 13.45 38.50 -8.43
N ILE C 89 13.64 37.20 -8.61
CA ILE C 89 13.16 36.48 -9.84
C ILE C 89 11.65 36.69 -10.05
N ASP C 90 10.85 36.58 -8.99
CA ASP C 90 9.40 36.87 -9.13
C ASP C 90 9.10 38.25 -9.76
N ALA C 91 9.76 39.27 -9.21
CA ALA C 91 9.54 40.62 -9.69
C ALA C 91 9.96 40.66 -11.13
N MSE C 92 11.07 39.99 -11.44
CA MSE C 92 11.59 40.05 -12.79
C MSE C 92 10.64 39.40 -13.75
O MSE C 92 10.37 39.91 -14.84
CB MSE C 92 12.97 39.43 -12.90
CG MSE C 92 14.04 40.33 -12.39
SE MSE C 92 15.78 39.36 -12.28
CE MSE C 92 16.32 39.50 -14.18
N ILE C 93 10.07 38.28 -13.31
CA ILE C 93 9.05 37.66 -14.13
C ILE C 93 7.80 38.57 -14.29
N GLU C 94 7.35 39.23 -13.24
CA GLU C 94 6.16 40.07 -13.36
C GLU C 94 6.38 41.23 -14.31
N MSE C 95 7.60 41.74 -14.36
CA MSE C 95 7.95 42.92 -15.17
C MSE C 95 8.26 42.54 -16.61
O MSE C 95 8.66 43.37 -17.42
CB MSE C 95 9.15 43.65 -14.54
CG MSE C 95 8.94 44.15 -13.18
SE MSE C 95 7.42 45.30 -13.33
CE MSE C 95 6.10 44.02 -12.77
N GLY C 96 8.06 41.26 -16.92
CA GLY C 96 8.18 40.79 -18.28
C GLY C 96 9.56 40.32 -18.65
N MSE C 97 10.46 40.13 -17.69
CA MSE C 97 11.81 39.71 -18.04
C MSE C 97 11.97 38.17 -18.17
O MSE C 97 11.05 37.40 -17.87
CB MSE C 97 12.84 40.30 -17.05
CG MSE C 97 12.74 41.81 -16.88
SE MSE C 97 13.93 42.48 -15.57
CE MSE C 97 15.65 42.17 -16.26
N ARG C 98 13.14 37.73 -18.61
CA ARG C 98 13.43 36.29 -18.72
C ARG C 98 14.56 35.87 -17.79
N PRO C 99 14.29 35.91 -16.48
CA PRO C 99 15.36 35.61 -15.54
C PRO C 99 15.62 34.11 -15.40
N ILE C 100 16.85 33.76 -15.04
CA ILE C 100 17.15 32.34 -14.65
C ILE C 100 18.17 32.37 -13.53
N SER C 101 17.85 31.79 -12.36
CA SER C 101 18.79 31.87 -11.26
C SER C 101 19.87 30.86 -11.54
N VAL C 102 21.12 31.22 -11.30
CA VAL C 102 22.23 30.26 -11.45
C VAL C 102 23.16 30.37 -10.28
N PRO C 103 22.97 29.53 -9.27
CA PRO C 103 23.66 29.80 -8.00
C PRO C 103 25.11 29.39 -8.08
N ILE C 104 26.01 30.12 -7.44
CA ILE C 104 27.44 29.76 -7.37
C ILE C 104 27.59 28.37 -6.71
N SER C 105 26.69 28.08 -5.78
CA SER C 105 26.70 26.82 -5.05
C SER C 105 26.46 25.63 -5.98
N ALA C 106 25.92 25.87 -7.16
CA ALA C 106 25.69 24.81 -8.14
C ALA C 106 26.75 24.73 -9.25
N LEU C 107 27.76 25.62 -9.22
CA LEU C 107 28.72 25.68 -10.31
C LEU C 107 29.90 24.74 -9.96
N ARG C 108 30.54 24.18 -10.99
CA ARG C 108 31.74 23.39 -10.85
C ARG C 108 32.88 24.25 -10.36
N TYR C 109 33.58 23.78 -9.36
CA TYR C 109 34.68 24.57 -8.85
C TYR C 109 35.95 23.72 -8.76
N ASP C 110 37.06 24.23 -9.34
CA ASP C 110 38.36 23.52 -9.29
C ASP C 110 39.47 24.51 -8.87
N GLY C 111 39.08 25.56 -8.16
CA GLY C 111 40.03 26.63 -7.89
C GLY C 111 39.50 27.88 -8.55
N ARG C 112 38.76 27.70 -9.64
CA ARG C 112 37.89 28.74 -10.17
C ARG C 112 36.51 28.14 -10.49
N PHE C 113 35.48 28.96 -10.50
CA PHE C 113 34.14 28.51 -10.89
C PHE C 113 34.03 28.40 -12.40
N ASP C 114 33.33 27.38 -12.90
CA ASP C 114 33.00 27.30 -14.29
C ASP C 114 31.66 28.01 -14.57
N TYR C 115 31.71 29.19 -15.17
CA TYR C 115 30.53 30.06 -15.39
C TYR C 115 29.87 29.74 -16.73
N THR C 116 30.29 28.65 -17.39
CA THR C 116 29.71 28.31 -18.67
C THR C 116 28.16 28.39 -18.68
N PRO C 117 27.48 27.87 -17.64
CA PRO C 117 26.03 27.95 -17.75
C PRO C 117 25.51 29.43 -17.72
N LEU C 118 26.12 30.37 -16.99
CA LEU C 118 25.65 31.78 -17.10
C LEU C 118 25.91 32.30 -18.52
N ILE C 119 27.10 32.03 -19.02
CA ILE C 119 27.42 32.48 -20.40
C ILE C 119 26.47 31.91 -21.43
N ARG C 120 26.14 30.62 -21.35
CA ARG C 120 25.16 30.09 -22.31
C ARG C 120 23.77 30.70 -22.15
N TYR C 121 23.33 30.98 -20.94
CA TYR C 121 22.02 31.63 -20.81
C TYR C 121 22.01 33.07 -21.41
N ILE C 122 23.10 33.82 -21.25
CA ILE C 122 23.19 35.16 -21.87
C ILE C 122 23.11 35.02 -23.43
N ASP C 123 23.82 34.05 -24.01
CA ASP C 123 23.77 33.80 -25.46
C ASP C 123 22.38 33.29 -25.84
N ALA C 124 21.67 32.61 -24.94
CA ALA C 124 20.29 32.21 -25.27
C ALA C 124 19.23 33.31 -24.99
N GLY C 125 19.68 34.51 -24.65
CA GLY C 125 18.76 35.61 -24.41
C GLY C 125 18.11 35.70 -23.03
N PHE C 126 18.61 34.97 -22.04
CA PHE C 126 18.05 35.03 -20.70
C PHE C 126 18.88 36.05 -19.89
N VAL C 127 18.39 36.52 -18.75
CA VAL C 127 19.24 37.30 -17.88
C VAL C 127 19.52 36.44 -16.68
N PRO C 128 20.78 35.96 -16.57
CA PRO C 128 21.03 35.07 -15.43
C PRO C 128 21.10 35.91 -14.22
N VAL C 129 20.72 35.34 -13.09
CA VAL C 129 20.72 36.06 -11.83
C VAL C 129 21.54 35.22 -10.86
N SER C 130 22.50 35.83 -10.17
CA SER C 130 23.22 35.00 -9.19
C SER C 130 23.40 35.81 -7.93
N TYR C 131 24.08 35.27 -6.93
CA TYR C 131 24.11 35.94 -5.62
C TYR C 131 25.17 35.42 -4.70
N GLY C 132 25.60 36.23 -3.73
CA GLY C 132 26.63 35.78 -2.80
C GLY C 132 26.15 34.49 -2.14
N ASP C 133 27.01 33.52 -1.97
CA ASP C 133 26.52 32.19 -1.69
C ASP C 133 27.67 31.41 -1.09
N VAL C 134 27.34 30.26 -0.52
CA VAL C 134 28.32 29.36 0.09
C VAL C 134 28.86 28.43 -1.03
N TYR C 135 30.08 27.93 -0.89
CA TYR C 135 30.53 26.90 -1.78
C TYR C 135 31.49 25.99 -1.06
N ILE C 136 31.75 24.84 -1.64
CA ILE C 136 32.80 23.96 -1.12
C ILE C 136 34.17 24.34 -1.71
N LYS C 137 35.00 24.93 -0.89
CA LYS C 137 36.31 25.38 -1.31
C LYS C 137 37.26 24.16 -1.42
N ASP C 138 37.18 23.25 -0.46
CA ASP C 138 37.93 21.98 -0.49
C ASP C 138 37.37 21.05 0.60
N GLU C 139 37.92 19.85 0.71
CA GLU C 139 37.32 18.82 1.57
C GLU C 139 37.14 19.22 3.03
N HIS C 140 37.94 20.15 3.53
CA HIS C 140 37.79 20.64 4.89
C HIS C 140 37.34 22.12 5.11
N SER C 141 36.93 22.83 4.06
CA SER C 141 36.71 24.28 4.11
C SER C 141 35.48 24.69 3.28
N TYR C 142 34.66 25.56 3.87
CA TYR C 142 33.47 26.08 3.22
C TYR C 142 33.77 27.53 2.97
N GLY C 143 33.46 28.00 1.79
CA GLY C 143 33.77 29.37 1.44
C GLY C 143 32.49 30.19 1.28
N ILE C 144 32.63 31.51 1.25
CA ILE C 144 31.52 32.37 0.86
C ILE C 144 32.03 33.21 -0.33
N TYR C 145 31.28 33.22 -1.43
CA TYR C 145 31.69 34.01 -2.61
C TYR C 145 30.73 35.18 -2.65
N SER C 146 31.20 36.40 -2.40
CA SER C 146 30.26 37.52 -2.22
C SER C 146 29.70 37.97 -3.59
N GLY C 147 28.61 38.74 -3.60
CA GLY C 147 28.10 39.36 -4.82
C GLY C 147 29.18 40.19 -5.52
N ASP C 148 30.00 40.91 -4.75
CA ASP C 148 31.06 41.70 -5.37
C ASP C 148 32.10 40.77 -6.10
N ASP C 149 32.43 39.60 -5.50
CA ASP C 149 33.36 38.64 -6.11
C ASP C 149 32.76 38.19 -7.46
N ILE C 150 31.46 37.83 -7.46
CA ILE C 150 30.78 37.42 -8.70
C ILE C 150 30.80 38.55 -9.77
N MSE C 151 30.53 39.77 -9.38
CA MSE C 151 30.61 40.91 -10.32
C MSE C 151 32.00 41.04 -10.94
O MSE C 151 32.12 41.23 -12.17
CB MSE C 151 30.22 42.21 -9.59
CG MSE C 151 28.75 42.21 -9.26
SE MSE C 151 27.73 42.55 -10.84
CE MSE C 151 28.21 44.50 -10.91
N ALA C 152 33.05 40.94 -10.12
CA ALA C 152 34.42 41.03 -10.64
C ALA C 152 34.67 39.92 -11.70
N ASP C 153 34.27 38.68 -11.40
CA ASP C 153 34.45 37.58 -12.35
C ASP C 153 33.66 37.72 -13.62
N MSE C 154 32.41 38.21 -13.51
CA MSE C 154 31.56 38.32 -14.71
C MSE C 154 32.08 39.55 -15.52
O MSE C 154 32.06 39.50 -16.74
CB MSE C 154 30.05 38.52 -14.39
CG MSE C 154 29.24 37.21 -14.01
SE MSE C 154 29.57 35.58 -14.96
CE MSE C 154 31.16 35.15 -13.93
N ALA C 155 32.55 40.59 -14.86
CA ALA C 155 33.17 41.72 -15.60
C ALA C 155 34.32 41.16 -16.46
N GLU C 156 35.15 40.31 -15.86
CA GLU C 156 36.31 39.74 -16.58
C GLU C 156 35.89 38.80 -17.75
N LEU C 157 34.85 37.98 -17.58
CA LEU C 157 34.37 37.15 -18.70
C LEU C 157 33.66 37.96 -19.75
N LEU C 158 32.91 39.00 -19.35
CA LEU C 158 31.96 39.63 -20.27
C LEU C 158 32.52 40.89 -20.93
N LYS C 159 33.49 41.56 -20.31
CA LYS C 159 33.92 42.91 -20.71
C LYS C 159 32.76 43.88 -21.00
N PRO C 160 31.89 44.12 -20.00
CA PRO C 160 30.73 44.96 -20.29
C PRO C 160 31.19 46.41 -20.47
N ASP C 161 30.27 47.20 -20.95
CA ASP C 161 30.43 48.64 -21.01
C ASP C 161 30.36 49.31 -19.67
N VAL C 162 29.41 48.91 -18.84
CA VAL C 162 29.23 49.61 -17.61
C VAL C 162 28.96 48.54 -16.54
N ALA C 163 29.35 48.84 -15.29
CA ALA C 163 29.02 47.98 -14.14
C ALA C 163 28.40 48.86 -13.09
N VAL C 164 27.22 48.48 -12.60
CA VAL C 164 26.50 49.36 -11.71
C VAL C 164 26.28 48.57 -10.38
N PHE C 165 26.54 49.19 -9.23
CA PHE C 165 26.34 48.62 -7.91
C PHE C 165 25.29 49.51 -7.27
N LEU C 166 24.22 48.94 -6.73
CA LEU C 166 23.22 49.71 -6.04
C LEU C 166 23.41 49.50 -4.55
N THR C 167 23.45 50.60 -3.76
CA THR C 167 23.45 50.44 -2.30
C THR C 167 22.40 51.37 -1.68
N ASP C 168 22.37 51.51 -0.38
CA ASP C 168 21.35 52.38 0.22
C ASP C 168 21.84 53.83 0.43
N VAL C 169 22.95 54.24 -0.19
CA VAL C 169 23.36 55.67 -0.13
C VAL C 169 23.63 56.21 -1.56
N ASP C 170 23.80 57.51 -1.71
CA ASP C 170 23.81 58.15 -3.01
C ASP C 170 25.06 57.86 -3.82
N GLY C 171 26.16 57.50 -3.16
CA GLY C 171 27.35 57.10 -3.89
C GLY C 171 28.54 56.92 -2.95
N ILE C 172 29.75 57.03 -3.46
CA ILE C 172 30.93 56.95 -2.58
C ILE C 172 31.11 58.33 -1.92
N TYR C 173 31.24 58.40 -0.62
CA TYR C 173 31.44 59.70 0.03
C TYR C 173 32.90 59.75 0.55
N SER C 174 33.38 60.95 0.89
CA SER C 174 34.68 61.12 1.57
C SER C 174 34.74 60.39 2.92
N LYS C 175 33.62 60.33 3.66
CA LYS C 175 33.48 59.57 4.93
C LYS C 175 32.14 58.85 4.96
N ASP C 176 31.96 57.90 5.86
CA ASP C 176 30.65 57.26 5.96
C ASP C 176 29.55 58.29 6.10
N PRO C 177 28.60 58.36 5.15
CA PRO C 177 27.61 59.45 5.27
C PRO C 177 26.69 59.28 6.48
N LYS C 178 26.56 58.06 6.98
CA LYS C 178 25.65 57.77 8.07
C LYS C 178 26.28 58.12 9.44
N ARG C 179 27.59 58.25 9.49
CA ARG C 179 28.30 58.65 10.72
C ARG C 179 28.83 60.09 10.68
N ASN C 180 28.83 60.76 9.53
CA ASN C 180 29.45 62.07 9.46
C ASN C 180 28.58 63.03 8.70
N PRO C 181 27.97 63.98 9.42
CA PRO C 181 27.07 64.93 8.76
C PRO C 181 27.82 65.78 7.71
N ASP C 182 29.15 65.85 7.81
CA ASP C 182 29.95 66.60 6.83
C ASP C 182 30.69 65.69 5.84
N ALA C 183 30.00 64.67 5.32
CA ALA C 183 30.58 63.80 4.31
C ALA C 183 30.25 64.38 2.93
N VAL C 184 31.23 64.42 2.04
CA VAL C 184 31.05 64.96 0.68
C VAL C 184 30.83 63.85 -0.37
N LEU C 185 29.82 63.99 -1.22
CA LEU C 185 29.63 62.99 -2.27
C LEU C 185 30.72 63.16 -3.34
N LEU C 186 31.41 62.08 -3.68
CA LEU C 186 32.46 62.12 -4.68
C LEU C 186 31.88 61.61 -5.98
N ARG C 187 31.60 62.51 -6.90
CA ARG C 187 30.78 62.17 -8.05
C ARG C 187 31.58 61.48 -9.13
N ASP C 188 32.87 61.83 -9.28
CA ASP C 188 33.68 61.27 -10.38
C ASP C 188 35.10 60.98 -9.93
N ILE C 189 35.46 59.71 -9.94
CA ILE C 189 36.67 59.27 -9.31
C ILE C 189 37.55 58.68 -10.39
N ASP C 190 38.72 59.26 -10.56
CA ASP C 190 39.63 58.80 -11.60
C ASP C 190 40.22 57.46 -11.15
N THR C 191 40.05 56.39 -11.93
CA THR C 191 40.45 55.02 -11.51
C THR C 191 41.94 54.73 -11.62
N ASN C 192 42.74 55.77 -11.82
CA ASN C 192 44.17 55.60 -12.02
C ASN C 192 44.95 56.26 -10.86
N GLY C 205 34.34 52.41 5.74
CA GLY C 205 34.38 50.95 5.67
C GLY C 205 33.97 50.40 4.31
N ILE C 206 33.77 51.31 3.35
CA ILE C 206 33.50 50.91 1.97
C ILE C 206 34.84 50.61 1.30
N GLY C 207 35.91 50.71 2.08
CA GLY C 207 37.27 50.49 1.61
C GLY C 207 37.43 49.28 0.70
N LYS C 208 36.99 48.11 1.14
CA LYS C 208 37.17 46.87 0.39
C LYS C 208 36.45 46.94 -0.94
N LYS C 209 35.23 47.46 -0.90
CA LYS C 209 34.39 47.40 -2.07
C LYS C 209 34.91 48.45 -3.02
N PHE C 210 35.36 49.57 -2.48
CA PHE C 210 35.95 50.56 -3.35
C PHE C 210 37.24 50.01 -4.01
N GLU C 211 38.10 49.30 -3.27
CA GLU C 211 39.24 48.64 -3.92
C GLU C 211 38.77 47.72 -5.03
N SER C 212 37.76 46.91 -4.77
CA SER C 212 37.25 45.99 -5.80
C SER C 212 36.64 46.67 -7.02
N MSE C 213 36.04 47.84 -6.87
CA MSE C 213 35.53 48.51 -8.05
C MSE C 213 36.62 49.17 -8.89
O MSE C 213 36.50 49.31 -10.11
CB MSE C 213 34.47 49.50 -7.62
CG MSE C 213 33.30 48.75 -7.05
SE MSE C 213 32.06 50.05 -6.45
CE MSE C 213 33.26 51.41 -5.86
N VAL C 214 37.72 49.55 -8.25
CA VAL C 214 38.88 50.07 -8.96
C VAL C 214 39.52 48.93 -9.73
N LYS C 215 39.68 47.74 -9.12
CA LYS C 215 40.28 46.62 -9.84
C LYS C 215 39.47 46.30 -11.08
N MSE C 216 38.16 46.30 -10.95
CA MSE C 216 37.29 45.97 -12.09
C MSE C 216 37.47 46.83 -13.33
O MSE C 216 37.08 46.43 -14.41
CB MSE C 216 35.84 46.05 -11.66
CG MSE C 216 35.46 44.77 -11.04
SE MSE C 216 33.68 44.95 -10.38
CE MSE C 216 32.81 45.21 -12.04
N LYS C 217 38.05 48.02 -13.18
CA LYS C 217 38.21 48.94 -14.32
C LYS C 217 39.03 48.37 -15.53
N SER C 218 39.92 47.45 -15.29
CA SER C 218 40.57 46.80 -16.38
C SER C 218 39.56 46.06 -17.27
N SER C 219 38.38 45.72 -16.76
CA SER C 219 37.44 44.93 -17.56
C SER C 219 36.17 45.63 -17.99
N VAL C 220 35.90 46.83 -17.46
CA VAL C 220 34.69 47.57 -17.79
C VAL C 220 35.05 48.77 -18.64
N LYS C 221 34.52 48.84 -19.84
CA LYS C 221 34.95 49.86 -20.78
C LYS C 221 34.62 51.31 -20.39
N ASN C 222 33.44 51.58 -19.84
CA ASN C 222 32.93 52.93 -19.71
C ASN C 222 32.49 53.30 -18.31
N GLY C 223 32.99 52.61 -17.29
CA GLY C 223 32.82 53.11 -15.93
C GLY C 223 32.09 52.17 -15.00
N VAL C 224 32.43 52.25 -13.73
CA VAL C 224 31.75 51.50 -12.67
C VAL C 224 30.99 52.51 -11.79
N TYR C 225 29.73 52.23 -11.52
CA TYR C 225 28.84 53.24 -10.95
C TYR C 225 28.35 52.76 -9.59
N LEU C 226 28.12 53.68 -8.66
CA LEU C 226 27.50 53.34 -7.40
C LEU C 226 26.30 54.28 -7.27
N ILE C 227 25.12 53.69 -7.18
CA ILE C 227 23.89 54.50 -7.27
C ILE C 227 23.02 54.09 -6.10
N ASN C 228 22.30 55.03 -5.50
CA ASN C 228 21.30 54.68 -4.47
C ASN C 228 20.13 53.88 -5.03
N GLY C 229 20.00 52.64 -4.57
CA GLY C 229 18.90 51.77 -4.95
C GLY C 229 17.54 52.22 -4.47
N ASN C 230 17.50 53.14 -3.51
CA ASN C 230 16.19 53.72 -3.09
C ASN C 230 15.64 54.70 -4.12
N HIS C 231 16.47 55.09 -5.06
CA HIS C 231 16.03 55.99 -6.17
C HIS C 231 16.59 55.41 -7.52
N PRO C 232 16.08 54.23 -7.92
CA PRO C 232 16.78 53.49 -9.00
C PRO C 232 16.57 54.09 -10.35
N GLU C 233 15.60 54.98 -10.52
CA GLU C 233 15.48 55.70 -11.78
C GLU C 233 16.80 56.48 -12.12
N ARG C 234 17.65 56.75 -11.12
CA ARG C 234 18.98 57.30 -11.40
C ARG C 234 19.73 56.42 -12.39
N ILE C 235 19.48 55.12 -12.41
CA ILE C 235 20.20 54.25 -13.34
C ILE C 235 20.07 54.73 -14.78
N GLY C 236 18.94 55.35 -15.08
CA GLY C 236 18.55 55.76 -16.41
C GLY C 236 19.14 57.11 -16.70
N ASP C 237 19.73 57.74 -15.69
CA ASP C 237 20.42 59.01 -15.86
C ASP C 237 21.92 58.94 -16.13
N ILE C 238 22.46 57.75 -16.17
CA ILE C 238 23.86 57.60 -16.42
C ILE C 238 24.15 58.41 -17.69
N GLY C 239 25.22 59.20 -17.69
CA GLY C 239 25.65 59.90 -18.88
C GLY C 239 25.09 61.30 -18.97
N LYS C 240 24.09 61.57 -18.13
CA LYS C 240 23.45 62.87 -18.08
C LYS C 240 24.12 63.67 -17.02
N GLU C 241 23.85 64.96 -17.00
CA GLU C 241 24.43 65.84 -15.99
C GLU C 241 23.43 66.07 -14.85
N SER C 242 22.22 65.54 -15.03
CA SER C 242 21.32 65.38 -13.90
C SER C 242 21.58 64.06 -13.12
N PHE C 243 22.66 63.38 -13.46
CA PHE C 243 23.00 62.11 -12.75
C PHE C 243 23.47 62.31 -11.31
N ILE C 244 22.82 61.61 -10.39
CA ILE C 244 23.27 61.55 -9.01
C ILE C 244 23.80 60.15 -8.68
N GLY C 245 25.08 60.11 -8.32
CA GLY C 245 25.80 58.88 -8.04
C GLY C 245 27.28 59.14 -8.21
N THR C 246 28.04 58.08 -8.07
CA THR C 246 29.48 58.12 -8.26
C THR C 246 29.86 57.25 -9.44
N VAL C 247 30.75 57.74 -10.30
CA VAL C 247 31.34 56.94 -11.34
C VAL C 247 32.84 56.84 -11.07
N ILE C 248 33.39 55.63 -11.18
CA ILE C 248 34.82 55.36 -11.10
C ILE C 248 35.26 55.06 -12.56
N ARG C 249 35.99 55.98 -13.18
CA ARG C 249 36.34 55.84 -14.61
C ARG C 249 37.70 56.46 -14.97
N PHE D 3 -26.45 -35.84 37.07
CA PHE D 3 -26.08 -35.92 35.62
C PHE D 3 -27.26 -36.35 34.76
N THR D 4 -27.50 -35.66 33.66
CA THR D 4 -28.51 -36.11 32.69
C THR D 4 -28.09 -35.65 31.27
N MSE D 5 -27.70 -36.64 30.47
CA MSE D 5 -27.29 -36.47 29.07
C MSE D 5 -28.49 -35.86 28.26
O MSE D 5 -29.52 -36.49 28.13
CB MSE D 5 -26.84 -37.86 28.53
CG MSE D 5 -25.91 -37.91 27.23
SE MSE D 5 -25.57 -39.60 26.25
CE MSE D 5 -23.43 -39.76 26.39
N MSE D 6 -28.34 -34.60 27.83
CA MSE D 6 -29.34 -33.90 26.99
C MSE D 6 -28.91 -33.92 25.48
O MSE D 6 -27.72 -33.91 25.15
CB MSE D 6 -29.52 -32.44 27.46
CG MSE D 6 -30.76 -31.73 26.90
SE MSE D 6 -30.68 -30.00 27.33
CE MSE D 6 -30.89 -30.32 29.28
N ILE D 7 -29.86 -33.98 24.57
CA ILE D 7 -29.63 -33.51 23.21
C ILE D 7 -30.72 -32.51 22.96
N LEU D 8 -30.45 -31.51 22.14
CA LEU D 8 -31.34 -30.37 22.03
C LEU D 8 -31.41 -30.02 20.57
N LYS D 9 -32.61 -29.83 20.06
CA LYS D 9 -32.75 -29.22 18.75
C LYS D 9 -33.22 -27.80 18.95
N ILE D 10 -32.53 -26.86 18.33
CA ILE D 10 -32.96 -25.49 18.24
C ILE D 10 -33.77 -25.36 16.96
N GLY D 11 -35.08 -25.10 17.07
CA GLY D 11 -35.94 -25.09 15.86
C GLY D 11 -35.68 -23.88 14.99
N GLY D 12 -35.74 -24.02 13.69
CA GLY D 12 -35.65 -22.88 12.80
C GLY D 12 -36.83 -21.94 13.08
N SER D 13 -37.88 -22.44 13.72
CA SER D 13 -38.99 -21.54 14.05
C SER D 13 -38.57 -20.48 15.06
N VAL D 14 -37.52 -20.70 15.85
CA VAL D 14 -37.08 -19.67 16.83
C VAL D 14 -35.88 -18.87 16.34
N ILE D 15 -34.98 -19.46 15.53
CA ILE D 15 -33.80 -18.71 15.13
C ILE D 15 -33.79 -18.13 13.73
N THR D 16 -34.85 -18.29 12.94
CA THR D 16 -34.94 -17.55 11.70
C THR D 16 -36.33 -16.95 11.61
N ASP D 17 -36.55 -16.04 10.68
CA ASP D 17 -37.91 -15.48 10.43
C ASP D 17 -38.13 -15.24 8.92
N LYS D 18 -39.24 -14.60 8.57
CA LYS D 18 -39.53 -14.42 7.14
C LYS D 18 -38.64 -13.33 6.48
N SER D 19 -38.24 -12.40 7.25
CA SER D 19 -37.77 -11.11 6.72
C SER D 19 -36.72 -11.13 5.63
N ALA D 20 -36.78 -10.07 4.83
CA ALA D 20 -35.95 -9.94 3.65
C ALA D 20 -34.61 -9.28 3.98
N TYR D 21 -34.50 -8.77 5.20
CA TYR D 21 -33.39 -7.89 5.55
C TYR D 21 -32.35 -8.57 6.45
N ARG D 22 -32.80 -9.55 7.24
CA ARG D 22 -31.90 -10.34 8.07
C ARG D 22 -32.19 -11.83 7.88
N THR D 23 -31.23 -12.62 8.31
CA THR D 23 -31.16 -14.01 7.96
C THR D 23 -31.27 -14.87 9.21
N ALA D 24 -31.01 -14.27 10.37
CA ALA D 24 -31.03 -15.03 11.60
C ALA D 24 -31.36 -14.11 12.80
N ARG D 25 -31.91 -14.69 13.83
CA ARG D 25 -32.29 -13.94 14.95
C ARG D 25 -31.15 -14.07 15.93
N THR D 26 -30.16 -13.18 15.82
CA THR D 26 -29.00 -13.28 16.74
C THR D 26 -29.36 -13.21 18.21
N TYR D 27 -30.29 -12.32 18.58
CA TYR D 27 -30.60 -12.28 20.01
C TYR D 27 -31.13 -13.62 20.56
N ALA D 28 -32.10 -14.23 19.88
CA ALA D 28 -32.63 -15.52 20.28
C ALA D 28 -31.49 -16.58 20.31
N ILE D 29 -30.63 -16.62 19.28
CA ILE D 29 -29.48 -17.59 19.32
C ILE D 29 -28.63 -17.36 20.60
N ARG D 30 -28.22 -16.12 20.87
CA ARG D 30 -27.39 -15.79 22.04
C ARG D 30 -28.05 -16.21 23.32
N SER D 31 -29.34 -15.93 23.46
CA SER D 31 -29.99 -16.21 24.75
C SER D 31 -30.26 -17.71 24.92
N ILE D 32 -30.56 -18.44 23.85
CA ILE D 32 -30.58 -19.90 23.98
C ILE D 32 -29.20 -20.49 24.39
N VAL D 33 -28.16 -20.02 23.71
CA VAL D 33 -26.82 -20.60 23.89
C VAL D 33 -26.31 -20.21 25.28
N LYS D 34 -26.60 -18.99 25.70
CA LYS D 34 -26.27 -18.57 27.07
C LYS D 34 -26.80 -19.66 28.02
N VAL D 35 -28.05 -20.10 27.81
CA VAL D 35 -28.60 -21.18 28.62
C VAL D 35 -27.92 -22.54 28.39
N LEU D 36 -27.65 -22.95 27.14
CA LEU D 36 -27.01 -24.26 26.88
C LEU D 36 -25.65 -24.31 27.60
N SER D 37 -24.95 -23.16 27.65
CA SER D 37 -23.60 -23.10 28.21
C SER D 37 -23.66 -23.41 29.69
N GLY D 38 -24.84 -23.21 30.26
CA GLY D 38 -25.10 -23.54 31.65
C GLY D 38 -25.36 -25.03 31.87
N ILE D 39 -25.74 -25.73 30.81
CA ILE D 39 -26.19 -27.12 30.93
C ILE D 39 -25.01 -28.02 30.78
N GLU D 40 -24.67 -28.69 31.87
CA GLU D 40 -23.37 -29.30 31.92
C GLU D 40 -23.29 -30.54 31.07
N ASP D 41 -24.40 -31.27 30.95
CA ASP D 41 -24.42 -32.60 30.34
C ASP D 41 -25.02 -32.67 28.88
N LEU D 42 -25.04 -31.52 28.22
CA LEU D 42 -25.43 -31.41 26.79
C LEU D 42 -24.35 -32.03 25.89
N VAL D 43 -24.68 -33.09 25.16
CA VAL D 43 -23.68 -33.70 24.36
C VAL D 43 -23.89 -33.49 22.87
N CYS D 44 -25.04 -32.96 22.43
CA CYS D 44 -25.24 -32.68 20.98
C CYS D 44 -26.34 -31.65 20.77
N VAL D 45 -26.13 -30.74 19.82
CA VAL D 45 -27.09 -29.70 19.50
C VAL D 45 -27.36 -29.81 17.99
N VAL D 46 -28.62 -29.80 17.64
CA VAL D 46 -29.04 -29.86 16.25
C VAL D 46 -29.85 -28.57 16.02
N HIS D 47 -29.88 -28.03 14.80
CA HIS D 47 -30.82 -26.95 14.54
C HIS D 47 -31.45 -27.10 13.14
N GLY D 48 -32.62 -26.52 12.95
CA GLY D 48 -33.29 -26.59 11.67
C GLY D 48 -33.06 -25.29 10.90
N GLY D 49 -33.77 -25.13 9.80
CA GLY D 49 -33.56 -24.02 8.87
C GLY D 49 -34.77 -23.09 8.73
N GLY D 50 -35.90 -23.41 9.33
CA GLY D 50 -37.05 -22.50 9.34
C GLY D 50 -37.83 -22.48 8.02
N SER D 51 -38.98 -21.78 7.97
CA SER D 51 -39.83 -21.75 6.78
C SER D 51 -39.20 -21.12 5.51
N PHE D 52 -38.42 -20.05 5.60
CA PHE D 52 -37.81 -19.48 4.41
C PHE D 52 -36.86 -20.52 3.78
N GLY D 53 -36.12 -21.21 4.63
CA GLY D 53 -35.26 -22.33 4.26
C GLY D 53 -35.96 -23.49 3.56
N HIS D 54 -37.15 -23.91 4.02
CA HIS D 54 -37.85 -25.00 3.37
CA HIS D 54 -37.92 -24.98 3.39
C HIS D 54 -38.33 -24.51 2.01
N ILE D 55 -38.76 -23.26 1.94
CA ILE D 55 -39.28 -22.69 0.69
C ILE D 55 -38.17 -22.57 -0.33
N LYS D 56 -37.04 -22.00 0.02
CA LYS D 56 -35.89 -21.95 -0.91
C LYS D 56 -35.53 -23.35 -1.43
N ALA D 57 -35.49 -24.33 -0.53
CA ALA D 57 -35.13 -25.66 -0.96
C ALA D 57 -36.12 -26.08 -1.99
N MSE D 58 -37.40 -25.99 -1.64
CA MSE D 58 -38.47 -26.50 -2.52
C MSE D 58 -38.43 -25.86 -3.92
O MSE D 58 -38.54 -26.56 -4.92
CB MSE D 58 -39.85 -26.35 -1.87
CG MSE D 58 -40.80 -27.54 -2.15
SE MSE D 58 -40.28 -29.23 -1.25
CE MSE D 58 -39.74 -30.31 -2.84
N GLU D 59 -38.26 -24.56 -3.99
CA GLU D 59 -38.17 -23.89 -5.26
C GLU D 59 -36.97 -24.29 -6.11
N PHE D 60 -35.92 -24.85 -5.49
CA PHE D 60 -34.84 -25.49 -6.27
C PHE D 60 -35.16 -26.93 -6.65
N GLY D 61 -36.29 -27.46 -6.16
CA GLY D 61 -36.67 -28.85 -6.40
C GLY D 61 -35.92 -29.82 -5.46
N LEU D 62 -35.75 -29.43 -4.21
CA LEU D 62 -35.07 -30.23 -3.19
C LEU D 62 -36.02 -30.46 -2.01
N PRO D 63 -36.17 -31.73 -1.55
CA PRO D 63 -35.59 -32.93 -2.11
C PRO D 63 -36.21 -33.21 -3.47
N GLY D 64 -35.55 -33.96 -4.34
CA GLY D 64 -36.13 -34.25 -5.63
C GLY D 64 -35.11 -34.79 -6.54
N PRO D 65 -35.49 -35.02 -7.79
CA PRO D 65 -34.52 -35.59 -8.73
C PRO D 65 -33.35 -34.66 -9.08
N LYS D 66 -32.27 -35.27 -9.52
CA LYS D 66 -31.10 -34.57 -9.96
C LYS D 66 -31.38 -33.88 -11.31
N ASN D 67 -31.25 -32.57 -11.34
CA ASN D 67 -31.22 -31.81 -12.61
C ASN D 67 -30.34 -30.59 -12.38
N PRO D 68 -30.14 -29.72 -13.41
CA PRO D 68 -29.25 -28.57 -13.11
C PRO D 68 -29.76 -27.63 -12.06
N ARG D 69 -31.05 -27.27 -12.04
CA ARG D 69 -31.57 -26.36 -10.97
C ARG D 69 -31.36 -26.99 -9.60
N SER D 70 -31.70 -28.27 -9.45
CA SER D 70 -31.56 -28.84 -8.09
C SER D 70 -30.07 -29.02 -7.75
N SER D 71 -29.19 -29.27 -8.73
CA SER D 71 -27.71 -29.44 -8.43
C SER D 71 -27.09 -28.10 -7.96
N ILE D 72 -27.44 -27.01 -8.65
CA ILE D 72 -27.06 -25.65 -8.24
C ILE D 72 -27.70 -25.28 -6.90
N GLY D 73 -28.98 -25.57 -6.74
CA GLY D 73 -29.63 -25.40 -5.46
C GLY D 73 -28.96 -26.17 -4.32
N TYR D 74 -28.51 -27.36 -4.60
CA TYR D 74 -27.82 -28.18 -3.61
C TYR D 74 -26.69 -27.35 -2.97
N SER D 75 -25.87 -26.73 -3.82
CA SER D 75 -24.70 -25.95 -3.31
C SER D 75 -25.14 -24.74 -2.55
N ILE D 76 -26.21 -24.11 -3.04
CA ILE D 76 -26.69 -22.90 -2.41
C ILE D 76 -27.32 -23.14 -1.02
N VAL D 77 -28.22 -24.10 -0.96
CA VAL D 77 -28.92 -24.49 0.28
C VAL D 77 -27.88 -24.93 1.35
N HIS D 78 -26.88 -25.72 0.97
CA HIS D 78 -25.87 -26.10 1.94
C HIS D 78 -25.10 -24.87 2.45
N ARG D 79 -24.65 -24.00 1.55
CA ARG D 79 -24.00 -22.73 1.91
C ARG D 79 -24.90 -21.94 2.87
N ASP D 80 -26.22 -21.78 2.57
CA ASP D 80 -27.09 -21.00 3.48
C ASP D 80 -27.17 -21.64 4.85
N MSE D 81 -27.31 -22.97 4.90
CA MSE D 81 -27.43 -23.66 6.23
C MSE D 81 -26.09 -23.51 6.98
O MSE D 81 -26.06 -23.42 8.18
CB MSE D 81 -27.74 -25.17 6.08
CG MSE D 81 -29.15 -25.54 5.59
SE MSE D 81 -30.44 -24.65 6.66
CE MSE D 81 -30.09 -25.44 8.40
N GLU D 82 -24.97 -23.62 6.28
CA GLU D 82 -23.67 -23.51 6.94
C GLU D 82 -23.50 -22.08 7.52
N ASN D 83 -23.92 -21.07 6.78
CA ASN D 83 -23.94 -19.74 7.36
C ASN D 83 -24.81 -19.55 8.62
N LEU D 84 -26.01 -20.10 8.61
CA LEU D 84 -26.81 -20.07 9.82
C LEU D 84 -26.08 -20.81 10.92
N ASP D 85 -25.51 -21.97 10.57
CA ASP D 85 -24.88 -22.79 11.52
C ASP D 85 -23.72 -22.08 12.22
N LEU D 86 -22.97 -21.31 11.45
CA LEU D 86 -21.91 -20.47 11.99
C LEU D 86 -22.37 -19.46 13.03
N MSE D 87 -23.57 -18.92 12.85
CA MSE D 87 -24.17 -17.98 13.79
C MSE D 87 -24.31 -18.69 15.15
O MSE D 87 -24.06 -18.12 16.22
CB MSE D 87 -25.60 -17.50 13.31
CG MSE D 87 -25.77 -16.59 12.07
SE MSE D 87 -24.33 -15.30 12.21
CE MSE D 87 -24.71 -14.49 14.15
N VAL D 88 -24.69 -19.96 15.10
CA VAL D 88 -24.88 -20.71 16.33
C VAL D 88 -23.49 -21.10 16.90
N ILE D 89 -22.54 -21.40 16.04
CA ILE D 89 -21.22 -21.82 16.53
C ILE D 89 -20.54 -20.61 17.18
N ASP D 90 -20.74 -19.43 16.60
CA ASP D 90 -20.05 -18.20 17.06
C ASP D 90 -20.55 -17.93 18.48
N ALA D 91 -21.84 -18.04 18.65
CA ALA D 91 -22.40 -17.80 20.00
C ALA D 91 -21.87 -18.84 21.02
N MSE D 92 -21.75 -20.11 20.60
CA MSE D 92 -21.31 -21.17 21.51
C MSE D 92 -19.86 -20.94 21.93
O MSE D 92 -19.50 -21.17 23.10
CB MSE D 92 -21.43 -22.53 20.86
CG MSE D 92 -22.83 -23.17 21.02
SE MSE D 92 -23.13 -24.68 19.76
CE MSE D 92 -22.42 -26.11 20.88
N ILE D 93 -19.03 -20.50 20.98
CA ILE D 93 -17.66 -20.20 21.25
C ILE D 93 -17.62 -18.98 22.19
N GLU D 94 -18.41 -17.95 21.91
CA GLU D 94 -18.41 -16.76 22.75
C GLU D 94 -18.71 -17.08 24.22
N MSE D 95 -19.65 -18.01 24.46
CA MSE D 95 -20.00 -18.57 25.78
C MSE D 95 -19.09 -19.64 26.32
O MSE D 95 -19.46 -20.33 27.26
CB MSE D 95 -21.40 -19.17 25.75
CG MSE D 95 -22.44 -18.22 25.18
SE MSE D 95 -22.38 -16.54 26.09
CE MSE D 95 -22.23 -17.35 27.86
N GLY D 96 -17.91 -19.78 25.76
CA GLY D 96 -16.89 -20.64 26.36
C GLY D 96 -17.11 -22.13 26.15
N MSE D 97 -17.94 -22.50 25.19
CA MSE D 97 -18.20 -23.90 24.89
C MSE D 97 -17.23 -24.44 23.86
O MSE D 97 -16.45 -23.70 23.29
CB MSE D 97 -19.61 -24.04 24.35
CG MSE D 97 -20.68 -23.75 25.40
SE MSE D 97 -22.47 -23.86 24.62
CE MSE D 97 -22.81 -25.67 24.86
N ARG D 98 -17.29 -25.74 23.65
CA ARG D 98 -16.43 -26.37 22.64
C ARG D 98 -17.23 -26.98 21.49
N PRO D 99 -17.88 -26.15 20.68
CA PRO D 99 -18.71 -26.68 19.58
C PRO D 99 -17.85 -27.21 18.40
N ILE D 100 -18.35 -28.15 17.64
CA ILE D 100 -17.71 -28.48 16.37
C ILE D 100 -18.79 -28.89 15.37
N SER D 101 -18.89 -28.10 14.34
CA SER D 101 -19.90 -28.34 13.31
C SER D 101 -19.63 -29.65 12.58
N VAL D 102 -20.63 -30.51 12.44
CA VAL D 102 -20.47 -31.78 11.67
C VAL D 102 -21.65 -31.95 10.72
N PRO D 103 -21.52 -31.51 9.47
CA PRO D 103 -22.69 -31.44 8.60
C PRO D 103 -23.12 -32.79 8.07
N ILE D 104 -24.43 -33.08 8.02
CA ILE D 104 -24.92 -34.32 7.38
C ILE D 104 -24.35 -34.54 5.95
N SER D 105 -24.13 -33.45 5.23
CA SER D 105 -23.67 -33.48 3.89
C SER D 105 -22.27 -33.91 3.79
N ALA D 106 -21.53 -33.97 4.89
CA ALA D 106 -20.18 -34.52 4.84
C ALA D 106 -20.07 -36.00 5.39
N LEU D 107 -21.20 -36.62 5.71
CA LEU D 107 -21.15 -37.96 6.31
C LEU D 107 -21.26 -38.99 5.20
N ARG D 108 -20.64 -40.14 5.44
CA ARG D 108 -20.71 -41.24 4.48
C ARG D 108 -22.13 -41.74 4.54
N TYR D 109 -22.74 -42.04 3.39
CA TYR D 109 -24.14 -42.45 3.36
C TYR D 109 -24.23 -43.65 2.48
N ASP D 110 -24.82 -44.71 2.99
CA ASP D 110 -24.99 -45.96 2.19
C ASP D 110 -26.38 -46.52 2.49
N GLY D 111 -27.35 -45.63 2.73
CA GLY D 111 -28.69 -46.02 3.14
C GLY D 111 -28.94 -45.56 4.56
N ARG D 112 -27.85 -45.43 5.33
CA ARG D 112 -27.87 -44.74 6.59
C ARG D 112 -26.63 -43.88 6.63
N PHE D 113 -26.64 -42.80 7.42
CA PHE D 113 -25.42 -42.02 7.60
C PHE D 113 -24.49 -42.71 8.61
N ASP D 114 -23.20 -42.61 8.35
CA ASP D 114 -22.23 -42.98 9.33
C ASP D 114 -21.94 -41.78 10.28
N TYR D 115 -22.54 -41.84 11.48
CA TYR D 115 -22.35 -40.79 12.49
C TYR D 115 -21.08 -40.94 13.37
N THR D 116 -20.24 -41.90 13.03
CA THR D 116 -18.98 -42.07 13.75
C THR D 116 -18.29 -40.75 14.11
N PRO D 117 -18.18 -39.80 13.16
CA PRO D 117 -17.42 -38.59 13.58
C PRO D 117 -18.09 -37.88 14.70
N LEU D 118 -19.43 -37.89 14.80
CA LEU D 118 -20.11 -37.17 15.88
C LEU D 118 -19.90 -37.90 17.20
N ILE D 119 -20.03 -39.23 17.16
CA ILE D 119 -19.80 -40.01 18.41
C ILE D 119 -18.37 -39.78 18.93
N ARG D 120 -17.40 -39.69 18.03
CA ARG D 120 -16.07 -39.53 18.47
C ARG D 120 -15.86 -38.17 19.08
N TYR D 121 -16.45 -37.14 18.47
CA TYR D 121 -16.33 -35.81 19.01
C TYR D 121 -16.91 -35.76 20.41
N ILE D 122 -18.05 -36.43 20.61
CA ILE D 122 -18.67 -36.45 21.93
C ILE D 122 -17.73 -37.11 22.94
N ASP D 123 -17.12 -38.23 22.55
CA ASP D 123 -16.21 -38.99 23.40
C ASP D 123 -14.98 -38.19 23.68
N ALA D 124 -14.59 -37.28 22.77
CA ALA D 124 -13.46 -36.36 23.01
C ALA D 124 -13.80 -35.09 23.79
N GLY D 125 -15.06 -34.92 24.19
CA GLY D 125 -15.41 -33.81 25.10
C GLY D 125 -15.95 -32.56 24.35
N PHE D 126 -16.21 -32.71 23.04
CA PHE D 126 -16.80 -31.65 22.20
C PHE D 126 -18.32 -31.85 22.15
N VAL D 127 -19.00 -30.77 21.81
CA VAL D 127 -20.42 -30.78 21.50
C VAL D 127 -20.57 -30.62 19.94
N PRO D 128 -20.78 -31.72 19.22
CA PRO D 128 -20.96 -31.61 17.79
C PRO D 128 -22.31 -30.91 17.56
N VAL D 129 -22.36 -30.10 16.52
CA VAL D 129 -23.54 -29.34 16.14
C VAL D 129 -23.79 -29.80 14.72
N SER D 130 -25.04 -30.17 14.46
CA SER D 130 -25.44 -30.56 13.10
C SER D 130 -26.77 -29.94 12.74
N TYR D 131 -27.26 -30.14 11.52
CA TYR D 131 -28.43 -29.37 11.14
C TYR D 131 -29.09 -29.97 9.94
N GLY D 132 -30.36 -29.64 9.70
CA GLY D 132 -31.01 -30.23 8.54
C GLY D 132 -30.27 -29.76 7.31
N ASP D 133 -30.09 -30.62 6.32
CA ASP D 133 -29.11 -30.33 5.29
C ASP D 133 -29.43 -31.21 4.08
N VAL D 134 -28.82 -30.91 2.93
CA VAL D 134 -28.95 -31.76 1.73
C VAL D 134 -27.99 -32.94 1.78
N TYR D 135 -28.29 -34.02 1.06
CA TYR D 135 -27.36 -35.12 0.91
C TYR D 135 -27.61 -35.85 -0.39
N ILE D 136 -26.63 -36.61 -0.87
CA ILE D 136 -26.86 -37.37 -2.09
C ILE D 136 -27.48 -38.72 -1.73
N LYS D 137 -28.76 -38.88 -2.02
CA LYS D 137 -29.49 -40.10 -1.68
C LYS D 137 -29.13 -41.25 -2.69
N ASP D 138 -29.12 -40.98 -4.01
CA ASP D 138 -28.65 -41.95 -5.01
C ASP D 138 -28.17 -41.14 -6.24
N GLU D 139 -27.66 -41.80 -7.29
CA GLU D 139 -27.06 -41.04 -8.41
C GLU D 139 -28.06 -40.13 -9.14
N HIS D 140 -29.34 -40.32 -8.89
CA HIS D 140 -30.32 -39.53 -9.58
C HIS D 140 -31.18 -38.71 -8.64
N SER D 141 -30.78 -38.60 -7.35
CA SER D 141 -31.68 -38.05 -6.34
C SER D 141 -30.95 -37.31 -5.22
N TYR D 142 -31.41 -36.11 -4.91
CA TYR D 142 -30.90 -35.36 -3.74
C TYR D 142 -31.94 -35.44 -2.67
N GLY D 143 -31.56 -35.62 -1.42
CA GLY D 143 -32.53 -35.61 -0.38
C GLY D 143 -32.24 -34.45 0.55
N ILE D 144 -33.13 -34.28 1.53
CA ILE D 144 -32.97 -33.33 2.59
C ILE D 144 -33.26 -34.12 3.88
N TYR D 145 -32.29 -34.09 4.78
CA TYR D 145 -32.41 -34.77 6.05
C TYR D 145 -32.63 -33.73 7.10
N SER D 146 -33.82 -33.72 7.72
CA SER D 146 -34.20 -32.61 8.59
C SER D 146 -33.56 -32.75 9.99
N GLY D 147 -33.61 -31.72 10.78
CA GLY D 147 -32.99 -31.76 12.09
C GLY D 147 -33.76 -32.70 13.01
N ASP D 148 -35.06 -32.90 12.77
CA ASP D 148 -35.82 -33.86 13.56
C ASP D 148 -35.39 -35.29 13.28
N ASP D 149 -35.06 -35.57 12.01
CA ASP D 149 -34.49 -36.86 11.60
C ASP D 149 -33.10 -37.09 12.24
N ILE D 150 -32.22 -36.11 12.18
CA ILE D 150 -30.94 -36.22 12.89
C ILE D 150 -31.17 -36.52 14.41
N MSE D 151 -32.02 -35.71 15.05
CA MSE D 151 -32.35 -35.90 16.46
C MSE D 151 -32.76 -37.33 16.74
O MSE D 151 -32.22 -37.96 17.67
CB MSE D 151 -33.48 -34.94 16.88
CG MSE D 151 -33.03 -33.52 17.03
SE MSE D 151 -31.80 -33.36 18.61
CE MSE D 151 -33.29 -33.52 19.93
N ALA D 152 -33.66 -37.88 15.93
CA ALA D 152 -34.05 -39.27 16.07
C ALA D 152 -32.87 -40.25 16.01
N ASP D 153 -31.99 -40.06 15.04
CA ASP D 153 -30.87 -40.94 14.82
C ASP D 153 -29.91 -40.85 16.01
N MSE D 154 -29.67 -39.62 16.50
CA MSE D 154 -28.72 -39.44 17.59
C MSE D 154 -29.34 -39.94 18.92
O MSE D 154 -28.63 -40.47 19.78
CB MSE D 154 -28.26 -37.98 17.70
CG MSE D 154 -27.21 -37.53 16.62
SE MSE D 154 -25.67 -38.68 16.11
CE MSE D 154 -26.70 -39.91 14.99
N ALA D 155 -30.65 -39.81 19.10
CA ALA D 155 -31.30 -40.39 20.30
C ALA D 155 -31.11 -41.91 20.31
N GLU D 156 -31.11 -42.53 19.14
CA GLU D 156 -31.03 -43.98 19.12
C GLU D 156 -29.59 -44.41 19.31
N LEU D 157 -28.63 -43.64 18.79
CA LEU D 157 -27.21 -43.90 19.09
C LEU D 157 -26.83 -43.65 20.52
N LEU D 158 -27.34 -42.59 21.14
CA LEU D 158 -26.75 -42.13 22.38
C LEU D 158 -27.53 -42.59 23.62
N LYS D 159 -28.84 -42.77 23.49
CA LYS D 159 -29.70 -43.04 24.63
C LYS D 159 -29.68 -41.91 25.65
N PRO D 160 -29.84 -40.67 25.20
CA PRO D 160 -29.87 -39.59 26.19
C PRO D 160 -31.02 -39.71 27.19
N ASP D 161 -30.86 -39.05 28.33
CA ASP D 161 -31.90 -39.00 29.35
C ASP D 161 -33.05 -38.10 28.96
N VAL D 162 -32.74 -37.03 28.24
CA VAL D 162 -33.68 -35.97 27.97
C VAL D 162 -33.45 -35.46 26.53
N ALA D 163 -34.52 -35.25 25.77
CA ALA D 163 -34.36 -34.65 24.45
C ALA D 163 -35.28 -33.44 24.43
N VAL D 164 -34.73 -32.32 23.97
CA VAL D 164 -35.45 -31.08 24.02
C VAL D 164 -35.49 -30.46 22.64
N PHE D 165 -36.72 -30.12 22.21
CA PHE D 165 -36.99 -29.38 21.00
C PHE D 165 -37.45 -28.00 21.39
N LEU D 166 -36.71 -26.97 20.99
CA LEU D 166 -37.19 -25.60 21.11
C LEU D 166 -37.90 -25.16 19.86
N THR D 167 -39.12 -24.61 19.99
CA THR D 167 -39.78 -23.88 18.89
C THR D 167 -40.20 -22.47 19.31
N ASP D 168 -41.02 -21.84 18.48
CA ASP D 168 -41.40 -20.47 18.75
C ASP D 168 -42.68 -20.33 19.63
N VAL D 169 -43.31 -21.44 19.97
CA VAL D 169 -44.52 -21.47 20.83
C VAL D 169 -44.29 -22.27 22.11
N ASP D 170 -45.23 -22.15 23.06
CA ASP D 170 -45.01 -22.58 24.44
C ASP D 170 -44.95 -24.11 24.53
N GLY D 171 -45.44 -24.80 23.51
CA GLY D 171 -45.40 -26.26 23.52
C GLY D 171 -46.42 -26.83 22.55
N ILE D 172 -46.78 -28.11 22.68
CA ILE D 172 -47.83 -28.73 21.86
C ILE D 172 -49.21 -28.30 22.33
N TYR D 173 -50.04 -27.79 21.42
CA TYR D 173 -51.36 -27.30 21.77
C TYR D 173 -52.44 -28.22 21.22
N SER D 174 -53.69 -27.94 21.59
CA SER D 174 -54.86 -28.64 21.02
C SER D 174 -55.00 -28.36 19.52
N LYS D 175 -54.86 -27.09 19.12
CA LYS D 175 -54.80 -26.65 17.72
C LYS D 175 -53.58 -25.72 17.52
N ASP D 176 -53.40 -25.19 16.32
CA ASP D 176 -52.30 -24.29 16.00
C ASP D 176 -52.44 -22.87 16.65
N PRO D 177 -51.81 -22.67 17.83
CA PRO D 177 -51.98 -21.46 18.64
C PRO D 177 -52.01 -20.11 17.89
N LYS D 178 -51.43 -19.99 16.71
CA LYS D 178 -51.43 -18.67 16.09
C LYS D 178 -52.60 -18.40 15.12
N ARG D 179 -53.64 -19.22 15.26
CA ARG D 179 -54.92 -18.94 14.61
C ARG D 179 -55.99 -18.95 15.72
N ASN D 180 -55.80 -19.89 16.64
CA ASN D 180 -56.74 -20.15 17.69
C ASN D 180 -56.28 -19.51 18.99
N PRO D 181 -56.80 -18.30 19.30
CA PRO D 181 -56.66 -17.82 20.69
C PRO D 181 -57.37 -18.80 21.62
N ASP D 182 -58.20 -19.66 21.05
CA ASP D 182 -58.92 -20.69 21.78
C ASP D 182 -58.02 -21.89 22.12
N ALA D 183 -56.75 -21.80 21.75
CA ALA D 183 -55.85 -22.96 21.76
C ALA D 183 -55.36 -23.26 23.17
N VAL D 184 -55.43 -24.52 23.55
CA VAL D 184 -55.10 -24.91 24.91
C VAL D 184 -53.82 -25.74 25.00
N LEU D 185 -52.87 -25.24 25.78
CA LEU D 185 -51.53 -25.81 25.89
C LEU D 185 -51.51 -27.17 26.59
N LEU D 186 -51.31 -28.24 25.82
CA LEU D 186 -51.07 -29.58 26.38
C LEU D 186 -49.85 -29.55 27.27
N ARG D 187 -49.77 -30.45 28.22
CA ARG D 187 -48.72 -30.31 29.22
C ARG D 187 -48.00 -31.63 29.46
N ASP D 188 -48.69 -32.76 29.36
CA ASP D 188 -48.06 -34.02 29.76
C ASP D 188 -48.47 -35.23 28.94
N ILE D 189 -48.16 -35.16 27.64
CA ILE D 189 -48.79 -36.28 26.97
C ILE D 189 -47.97 -37.57 27.12
N ASP D 190 -48.69 -38.42 27.84
CA ASP D 190 -48.22 -39.80 28.03
C ASP D 190 -48.20 -40.43 26.63
N THR D 191 -47.52 -41.56 26.47
CA THR D 191 -47.50 -42.24 25.18
C THR D 191 -48.64 -43.28 25.09
N ASN D 192 -49.66 -42.95 24.28
CA ASN D 192 -50.83 -43.82 24.00
C ASN D 192 -51.34 -43.65 22.55
N ILE D 206 -46.44 -29.40 12.49
CA ILE D 206 -46.23 -30.08 13.77
C ILE D 206 -46.52 -31.57 13.69
N GLY D 207 -47.34 -31.96 12.72
CA GLY D 207 -47.83 -33.31 12.62
C GLY D 207 -46.73 -34.33 12.66
N LYS D 208 -45.77 -34.20 11.77
CA LYS D 208 -44.72 -35.17 11.65
C LYS D 208 -43.83 -35.16 12.90
N LYS D 209 -43.47 -33.97 13.38
CA LYS D 209 -42.52 -33.87 14.49
C LYS D 209 -43.10 -34.66 15.66
N PHE D 210 -44.34 -34.34 16.02
CA PHE D 210 -44.97 -35.00 17.16
C PHE D 210 -44.86 -36.51 17.06
N GLU D 211 -45.10 -37.09 15.88
CA GLU D 211 -45.01 -38.55 15.74
C GLU D 211 -43.56 -39.08 15.85
N SER D 212 -42.58 -38.26 15.43
CA SER D 212 -41.17 -38.61 15.63
C SER D 212 -40.72 -38.52 17.10
N MSE D 213 -41.20 -37.52 17.81
CA MSE D 213 -40.91 -37.40 19.22
C MSE D 213 -41.47 -38.54 20.05
O MSE D 213 -40.85 -38.96 21.00
CB MSE D 213 -41.44 -36.10 19.74
CG MSE D 213 -40.76 -34.98 19.10
SE MSE D 213 -41.45 -33.51 19.97
CE MSE D 213 -43.21 -33.50 19.18
N VAL D 214 -42.68 -38.98 19.72
CA VAL D 214 -43.27 -40.11 20.43
C VAL D 214 -42.40 -41.34 20.12
N LYS D 215 -42.06 -41.52 18.84
CA LYS D 215 -41.25 -42.65 18.43
C LYS D 215 -39.88 -42.67 19.15
N MSE D 216 -39.33 -41.48 19.37
CA MSE D 216 -38.02 -41.35 20.00
C MSE D 216 -38.03 -41.68 21.46
O MSE D 216 -37.03 -42.13 21.99
CB MSE D 216 -37.53 -39.92 19.89
CG MSE D 216 -36.92 -39.56 18.60
SE MSE D 216 -36.59 -37.68 18.79
CE MSE D 216 -35.13 -37.75 20.06
N LYS D 217 -39.15 -41.41 22.14
CA LYS D 217 -39.21 -41.61 23.59
C LYS D 217 -38.80 -43.04 23.98
N SER D 218 -38.82 -43.98 23.04
CA SER D 218 -38.37 -45.33 23.35
C SER D 218 -36.84 -45.43 23.42
N SER D 219 -36.17 -44.28 23.38
CA SER D 219 -34.71 -44.24 23.32
C SER D 219 -34.17 -43.27 24.36
N VAL D 220 -35.09 -42.56 24.99
CA VAL D 220 -34.83 -41.40 25.83
C VAL D 220 -35.63 -41.52 27.16
N LYS D 221 -34.99 -41.68 28.32
CA LYS D 221 -35.73 -42.03 29.57
C LYS D 221 -36.56 -41.00 30.38
N ASN D 222 -36.08 -39.79 30.62
CA ASN D 222 -36.95 -38.73 31.14
C ASN D 222 -37.76 -38.09 30.01
N GLY D 223 -37.95 -38.78 28.90
CA GLY D 223 -38.75 -38.26 27.81
C GLY D 223 -38.28 -36.99 27.08
N VAL D 224 -39.22 -36.42 26.35
CA VAL D 224 -38.95 -35.46 25.29
C VAL D 224 -39.76 -34.21 25.53
N TYR D 225 -39.16 -33.06 25.35
CA TYR D 225 -39.79 -31.80 25.71
C TYR D 225 -39.85 -30.87 24.55
N LEU D 226 -40.88 -30.04 24.55
CA LEU D 226 -40.97 -28.88 23.70
C LEU D 226 -41.06 -27.62 24.58
N ILE D 227 -40.35 -26.57 24.20
CA ILE D 227 -40.24 -25.37 25.00
C ILE D 227 -40.11 -24.18 24.04
N ASN D 228 -40.62 -23.03 24.45
CA ASN D 228 -40.48 -21.77 23.67
C ASN D 228 -39.05 -21.25 23.76
N GLY D 229 -38.38 -21.20 22.63
CA GLY D 229 -36.99 -20.83 22.59
C GLY D 229 -36.86 -19.34 22.82
N ASN D 230 -37.99 -18.62 22.83
CA ASN D 230 -37.94 -17.18 23.11
C ASN D 230 -37.77 -16.95 24.62
N HIS D 231 -38.00 -18.02 25.38
CA HIS D 231 -37.87 -18.07 26.84
C HIS D 231 -37.06 -19.35 27.25
N PRO D 232 -35.76 -19.37 26.85
CA PRO D 232 -34.93 -20.58 26.99
C PRO D 232 -34.69 -20.92 28.46
N GLU D 233 -34.67 -19.91 29.35
CA GLU D 233 -34.39 -20.17 30.77
C GLU D 233 -35.30 -21.24 31.32
N ARG D 234 -36.49 -21.33 30.70
CA ARG D 234 -37.46 -22.38 30.99
C ARG D 234 -36.92 -23.78 30.83
N ILE D 235 -35.73 -23.92 30.29
CA ILE D 235 -35.14 -25.25 30.19
C ILE D 235 -34.67 -25.68 31.58
N GLY D 236 -34.31 -24.69 32.40
CA GLY D 236 -33.85 -24.96 33.76
C GLY D 236 -35.01 -25.11 34.74
N ASP D 237 -36.22 -25.33 34.19
CA ASP D 237 -37.42 -25.57 34.99
C ASP D 237 -37.98 -26.96 34.76
N ILE D 238 -37.38 -27.68 33.88
CA ILE D 238 -37.81 -29.01 33.66
C ILE D 238 -37.74 -29.67 35.00
N GLY D 239 -38.85 -30.14 35.52
CA GLY D 239 -38.83 -30.92 36.73
C GLY D 239 -39.64 -30.22 37.76
N LYS D 240 -39.27 -29.00 38.06
CA LYS D 240 -40.16 -28.05 38.75
C LYS D 240 -41.58 -28.13 38.19
N GLU D 241 -42.54 -27.68 38.99
CA GLU D 241 -43.91 -27.51 38.50
C GLU D 241 -44.04 -26.07 38.08
N SER D 242 -42.91 -25.36 38.15
CA SER D 242 -42.77 -24.02 37.59
C SER D 242 -42.63 -24.08 36.04
N PHE D 243 -42.84 -25.28 35.49
CA PHE D 243 -42.51 -25.58 34.08
C PHE D 243 -43.62 -25.33 33.03
N ILE D 244 -43.51 -24.21 32.31
CA ILE D 244 -44.28 -23.94 31.09
C ILE D 244 -43.70 -24.73 29.89
N GLY D 245 -44.43 -25.73 29.42
CA GLY D 245 -43.98 -26.48 28.27
C GLY D 245 -44.64 -27.85 28.22
N THR D 246 -44.34 -28.62 27.20
CA THR D 246 -44.97 -29.90 27.01
C THR D 246 -43.97 -30.99 27.17
N VAL D 247 -44.33 -32.06 27.88
CA VAL D 247 -43.47 -33.21 28.03
C VAL D 247 -44.16 -34.43 27.53
N ILE D 248 -43.39 -35.32 26.90
CA ILE D 248 -43.92 -36.52 26.30
C ILE D 248 -43.29 -37.72 26.98
N ARG D 249 -43.83 -38.05 28.16
CA ARG D 249 -43.31 -39.12 28.99
C ARG D 249 -43.78 -40.50 28.51
PB ADP E . 5.09 10.82 -10.50
O1B ADP E . 6.36 10.04 -10.31
O2B ADP E . 4.56 11.15 -9.14
O3B ADP E . 5.26 11.96 -11.50
PA ADP E . 2.90 10.17 -12.20
O1A ADP E . 3.29 10.48 -13.60
O2A ADP E . 2.08 11.21 -11.50
O3A ADP E . 4.16 9.76 -11.26
O5' ADP E . 2.08 8.80 -12.20
C5' ADP E . 1.49 8.21 -11.07
C4' ADP E . 0.10 7.92 -11.58
O4' ADP E . 0.13 6.94 -12.62
C3' ADP E . -0.84 7.40 -10.50
O3' ADP E . -1.56 8.56 -10.05
C2' ADP E . -1.73 6.41 -11.24
O2' ADP E . -3.11 6.84 -11.31
C1' ADP E . -1.20 6.39 -12.66
N9 ADP E . -1.15 5.08 -13.35
C8 ADP E . -1.46 4.89 -14.65
N7 ADP E . -1.30 3.59 -14.99
C5 ADP E . -0.89 2.93 -13.88
C6 ADP E . -0.52 1.53 -13.56
N6 ADP E . -0.59 0.59 -14.52
N1 ADP E . -0.12 1.26 -12.30
C2 ADP E . -0.02 2.21 -11.36
N3 ADP E . -0.34 3.50 -11.58
C4 ADP E . -0.77 3.92 -12.80
C1 IPE F . 9.30 17.50 -14.34
O1 IPE F . 9.27 16.49 -13.32
C2 IPE F . 8.32 18.53 -13.85
C3 IPE F . 8.39 19.62 -14.87
C4 IPE F . 9.45 20.43 -14.81
C5 IPE F . 7.32 19.78 -15.93
PA IPE F . 8.51 15.03 -13.24
O1A IPE F . 8.07 14.41 -14.54
O2A IPE F . 9.55 14.21 -12.53
O3A IPE F . 7.28 15.28 -12.20
PB IPE F . 6.32 14.00 -11.75
O1B IPE F . 6.53 13.22 -13.02
O2B IPE F . 6.90 13.32 -10.54
O3B IPE F . 5.14 14.88 -11.51
PB ADP G . 0.73 -21.38 0.94
O1B ADP G . 0.55 -22.43 -0.08
O2B ADP G . -0.13 -20.18 0.78
O3B ADP G . 0.60 -22.00 2.32
PA ADP G . 3.11 -20.59 2.33
O1A ADP G . 3.19 -21.83 3.19
O2A ADP G . 2.90 -19.24 3.02
O3A ADP G . 2.26 -20.84 0.97
O5' ADP G . 4.56 -20.41 1.65
C5' ADP G . 4.66 -19.39 0.66
C4' ADP G . 5.83 -18.49 1.03
O4' ADP G . 7.09 -19.15 1.13
C3' ADP G . 6.10 -17.31 0.11
O3' ADP G . 5.32 -16.22 0.59
C2' ADP G . 7.59 -17.03 0.26
O2' ADP G . 7.82 -15.71 0.80
C1' ADP G . 8.07 -18.10 1.22
N9 ADP G . 9.34 -18.67 0.74
C8 ADP G . 10.39 -19.00 1.53
N7 ADP G . 11.39 -19.52 0.75
C5 ADP G . 10.96 -19.54 -0.52
C6 ADP G . 11.52 -19.96 -1.82
N6 ADP G . 12.75 -20.46 -1.82
N1 ADP G . 10.77 -19.81 -2.96
C2 ADP G . 9.54 -19.28 -2.87
N3 ADP G . 8.96 -18.88 -1.73
C4 ADP G . 9.60 -18.99 -0.53
C1 IPE H . -3.51 -24.15 7.29
O1 IPE H . -3.55 -24.66 5.94
C2 IPE H . -4.18 -25.17 8.15
C3 IPE H . -4.58 -24.52 9.47
C4 IPE H . -5.84 -24.66 9.86
C5 IPE H . -3.58 -23.77 10.31
PA IPE H . -2.24 -24.65 5.03
O1A IPE H . -1.02 -25.08 5.81
O2A IPE H . -2.62 -25.43 3.77
O3A IPE H . -2.24 -23.03 4.86
PB IPE H . -1.23 -22.17 3.89
O1B IPE H . -1.60 -20.84 4.51
O2B IPE H . 0.05 -22.94 4.19
O3B IPE H . -1.88 -22.46 2.55
PG ATP I . 25.95 43.47 0.34
O1G ATP I . 27.26 42.72 0.55
O2G ATP I . 25.39 43.31 -1.02
O3G ATP I . 24.92 43.29 1.43
PB ATP I . 26.27 46.20 -0.44
O1B ATP I . 24.84 46.57 -0.41
O2B ATP I . 26.79 45.81 -1.81
O3B ATP I . 26.47 44.96 0.55
PA ATP I . 27.77 47.52 1.77
O1A ATP I . 28.96 46.66 2.07
O2A ATP I . 26.60 47.48 2.67
O3A ATP I . 27.28 47.28 0.21
O5' ATP I . 28.16 49.05 1.47
C5' ATP I . 27.18 50.09 1.55
C4' ATP I . 27.34 50.82 2.89
O4' ATP I . 28.63 51.41 3.04
C3' ATP I . 26.40 52.02 3.06
O3' ATP I . 25.31 51.60 3.87
C2' ATP I . 27.24 53.07 3.77
O2' ATP I . 26.70 53.23 5.06
C1' ATP I . 28.59 52.45 4.00
N9 ATP I . 29.76 53.34 3.85
C8 ATP I . 30.84 53.33 4.66
N7 ATP I . 31.77 54.24 4.28
C5 ATP I . 31.28 54.86 3.20
C6 ATP I . 31.73 55.94 2.28
N6 ATP I . 32.91 56.57 2.45
N1 ATP I . 30.90 56.29 1.26
C2 ATP I . 29.71 55.68 1.09
N3 ATP I . 29.21 54.71 1.88
C4 ATP I . 29.95 54.27 2.92
O IP8 J . 28.51 40.89 1.13
C1 IP8 J . 27.20 37.76 0.93
O1 IP8 J . 26.85 39.00 0.17
P1 IP8 J . 27.24 40.64 0.32
C2 IP8 J . 26.24 36.52 1.04
O2 IP8 J . 27.54 41.11 -1.09
C3 IP8 J . 26.02 36.07 2.50
O3 IP8 J . 25.89 40.97 0.90
C4 IP8 J . 26.58 36.71 3.49
C5 IP8 J . 25.17 34.91 2.91
PG ATP K . -37.61 -26.40 11.78
O1G ATP K . -37.84 -27.54 10.78
O2G ATP K . -36.49 -26.64 12.77
O3G ATP K . -37.52 -25.01 11.22
PB ATP K . -39.24 -26.37 14.18
O1B ATP K . -38.88 -24.92 14.49
O2B ATP K . -38.55 -27.59 14.77
O3B ATP K . -39.01 -26.39 12.59
PA ATP K . -42.00 -26.26 13.30
O1A ATP K . -42.02 -27.42 12.29
O2A ATP K . -41.88 -24.85 12.78
O3A ATP K . -40.84 -26.58 14.40
O5' ATP K . -43.22 -26.38 14.36
C5' ATP K . -43.52 -25.24 15.17
C4' ATP K . -44.76 -24.55 14.61
O4' ATP K . -45.85 -25.44 14.59
C3' ATP K . -45.24 -23.39 15.46
O3' ATP K . -44.70 -22.19 14.89
C2' ATP K . -46.76 -23.45 15.41
O2' ATP K . -47.27 -22.34 14.68
C1' ATP K . -47.08 -24.70 14.61
N9 ATP K . -48.15 -25.61 15.13
C8 ATP K . -49.06 -26.28 14.38
N7 ATP K . -49.87 -27.06 15.14
C5 ATP K . -49.50 -26.89 16.40
C6 ATP K . -49.94 -27.40 17.71
N6 ATP K . -50.97 -28.27 17.81
N1 ATP K . -49.27 -26.98 18.80
C2 ATP K . -48.25 -26.11 18.72
N3 ATP K . -47.79 -25.60 17.56
C4 ATP K . -48.36 -25.95 16.39
O IP8 L . -37.36 -28.77 8.71
C1 IP8 L . -34.40 -28.50 7.39
O1 IP8 L . -34.80 -27.98 8.73
P1 IP8 L . -36.29 -28.02 9.49
C2 IP8 L . -33.24 -27.80 6.67
O2 IP8 L . -36.01 -28.78 10.75
C3 IP8 L . -33.60 -27.22 5.30
O3 IP8 L . -36.54 -26.54 9.60
C4 IP8 L . -34.80 -26.72 5.02
C5 IP8 L . -32.62 -27.18 4.19
#